data_3QDL
#
_entry.id   3QDL
#
_cell.length_a   49.440
_cell.length_b   49.440
_cell.length_c   304.480
_cell.angle_alpha   90.000
_cell.angle_beta   90.000
_cell.angle_gamma   90.000
#
_symmetry.space_group_name_H-M   'P 41'
#
loop_
_entity.id
_entity.type
_entity.pdbx_description
1 polymer 'Oxygen-insensitive NADPH nitroreductase'
2 non-polymer 'FLAVIN MONONUCLEOTIDE'
3 non-polymer GLYCEROL
4 water water
#
_entity_poly.entity_id   1
_entity_poly.type   'polypeptide(L)'
_entity_poly.pdbx_seq_one_letter_code
;MKFLDQEKRRQLLNERHSCKMFDSHYEFSSTELEEIAEIARLSPSSYNTQPWHFVMVTDKDLKKQIAAHSYFNEEMIKSA
SALMVVCSLRPSELLPHGHYMQNLYPESYKVRVIPSFAQMLGVRFNHSMQRLESYILEQCYIAVGQICMGVSLMGLDSCI
IGGFDPLKVGEVLEERINKPKIACLIALGKRVAEASQKSRKSKVDAITWL
;
_entity_poly.pdbx_strand_id   A,B,C,D
#
loop_
_chem_comp.id
_chem_comp.type
_chem_comp.name
_chem_comp.formula
FMN non-polymer 'FLAVIN MONONUCLEOTIDE' 'C17 H21 N4 O9 P'
GOL non-polymer GLYCEROL 'C3 H8 O3'
#
# COMPACT_ATOMS: atom_id res chain seq x y z
N MET A 1 24.01 -12.61 25.75
CA MET A 1 23.40 -13.81 25.09
C MET A 1 23.73 -13.89 23.59
N LYS A 2 24.98 -13.60 23.24
CA LYS A 2 25.42 -13.68 21.85
C LYS A 2 25.58 -15.12 21.36
N PHE A 3 25.50 -15.29 20.04
CA PHE A 3 25.63 -16.60 19.40
C PHE A 3 27.01 -16.80 18.79
N LEU A 4 27.56 -15.70 18.27
CA LEU A 4 28.88 -15.72 17.63
C LEU A 4 29.66 -14.49 18.06
N ASP A 5 30.98 -14.62 18.16
CA ASP A 5 31.83 -13.48 18.52
C ASP A 5 32.07 -12.56 17.32
N GLN A 6 32.67 -11.40 17.59
CA GLN A 6 32.93 -10.38 16.56
C GLN A 6 33.56 -10.95 15.29
N GLU A 7 34.66 -11.69 15.46
CA GLU A 7 35.35 -12.33 14.34
C GLU A 7 34.38 -13.19 13.51
N LYS A 8 33.56 -13.97 14.20
CA LYS A 8 32.60 -14.86 13.54
C LYS A 8 31.44 -14.09 12.89
N ARG A 9 30.91 -13.09 13.59
CA ARG A 9 29.82 -12.27 13.04
C ARG A 9 30.26 -11.47 11.82
N ARG A 10 31.51 -11.00 11.82
CA ARG A 10 32.08 -10.32 10.66
C ARG A 10 32.26 -11.27 9.49
N GLN A 11 32.79 -12.47 9.76
CA GLN A 11 32.97 -13.47 8.72
C GLN A 11 31.65 -13.83 8.04
N LEU A 12 30.60 -13.98 8.85
CA LEU A 12 29.28 -14.34 8.32
C LEU A 12 28.76 -13.33 7.29
N LEU A 13 28.92 -12.04 7.60
CA LEU A 13 28.53 -10.97 6.68
C LEU A 13 29.21 -11.09 5.32
N ASN A 14 30.43 -11.64 5.31
CA ASN A 14 31.18 -11.88 4.07
C ASN A 14 30.84 -13.22 3.42
N GLU A 15 30.54 -14.23 4.24
CA GLU A 15 30.11 -15.53 3.72
C GLU A 15 28.73 -15.45 3.09
N ARG A 16 27.89 -14.54 3.62
CA ARG A 16 26.64 -14.19 2.97
C ARG A 16 26.99 -13.41 1.71
N HIS A 17 27.01 -14.11 0.58
CA HIS A 17 27.38 -13.51 -0.70
C HIS A 17 26.56 -14.13 -1.83
N SER A 18 26.56 -13.47 -2.99
CA SER A 18 25.85 -13.99 -4.16
C SER A 18 26.69 -15.06 -4.87
N CYS A 19 26.44 -16.31 -4.47
CA CYS A 19 27.14 -17.48 -5.00
C CYS A 19 26.78 -17.72 -6.46
N LYS A 20 27.75 -17.48 -7.35
CA LYS A 20 27.52 -17.47 -8.80
C LYS A 20 27.51 -18.86 -9.43
N MET A 21 28.01 -19.86 -8.70
CA MET A 21 28.02 -21.26 -9.16
C MET A 21 27.97 -22.23 -7.97
N PHE A 22 27.25 -23.34 -8.16
CA PHE A 22 27.01 -24.29 -7.08
C PHE A 22 27.54 -25.69 -7.41
N ASP A 23 27.84 -26.44 -6.35
CA ASP A 23 28.30 -27.83 -6.48
C ASP A 23 27.14 -28.73 -6.88
N SER A 24 27.05 -29.00 -8.17
CA SER A 24 25.95 -29.81 -8.74
C SER A 24 25.88 -31.22 -8.15
N HIS A 25 27.00 -31.68 -7.59
CA HIS A 25 27.10 -33.01 -7.00
C HIS A 25 26.65 -33.04 -5.53
N TYR A 26 26.44 -31.85 -4.94
CA TYR A 26 25.95 -31.75 -3.57
C TYR A 26 24.42 -31.75 -3.58
N GLU A 27 23.83 -32.76 -2.96
CA GLU A 27 22.37 -32.86 -2.87
C GLU A 27 21.84 -32.45 -1.50
N PHE A 28 20.72 -31.72 -1.51
CA PHE A 28 20.07 -31.30 -0.27
C PHE A 28 19.31 -32.44 0.41
N SER A 29 19.70 -32.72 1.66
CA SER A 29 18.98 -33.64 2.51
C SER A 29 17.63 -33.04 2.94
N SER A 30 16.73 -33.89 3.43
CA SER A 30 15.45 -33.44 3.97
C SER A 30 15.65 -32.51 5.16
N THR A 31 16.70 -32.77 5.94
CA THR A 31 17.05 -31.91 7.08
C THR A 31 17.40 -30.48 6.62
N GLU A 32 18.20 -30.38 5.57
CA GLU A 32 18.63 -29.09 5.03
C GLU A 32 17.44 -28.31 4.46
N LEU A 33 16.65 -28.96 3.61
CA LEU A 33 15.45 -28.37 3.02
C LEU A 33 14.44 -27.91 4.08
N GLU A 34 14.21 -28.74 5.09
CA GLU A 34 13.25 -28.44 6.15
C GLU A 34 13.64 -27.20 6.97
N GLU A 35 14.89 -27.12 7.41
CA GLU A 35 15.36 -25.95 8.17
C GLU A 35 15.23 -24.65 7.36
N ILE A 36 15.57 -24.69 6.07
CA ILE A 36 15.45 -23.53 5.19
C ILE A 36 13.99 -23.05 5.16
N ALA A 37 13.07 -24.00 5.00
CA ALA A 37 11.64 -23.72 5.06
C ALA A 37 11.23 -23.09 6.38
N GLU A 38 11.90 -23.48 7.46
CA GLU A 38 11.61 -22.91 8.78
C GLU A 38 12.21 -21.52 8.94
N ILE A 39 13.36 -21.28 8.32
CA ILE A 39 13.97 -19.94 8.29
C ILE A 39 13.06 -18.96 7.54
N ALA A 40 12.49 -19.43 6.43
CA ALA A 40 11.55 -18.64 5.63
C ALA A 40 10.26 -18.37 6.40
N ARG A 41 9.63 -19.44 6.85
CA ARG A 41 8.36 -19.39 7.59
C ARG A 41 8.41 -18.50 8.83
N LEU A 42 9.52 -18.57 9.59
CA LEU A 42 9.62 -17.87 10.87
C LEU A 42 10.04 -16.40 10.73
N SER A 43 10.00 -15.88 9.51
CA SER A 43 10.37 -14.49 9.25
C SER A 43 9.29 -13.51 9.73
N PRO A 44 9.70 -12.27 10.08
CA PRO A 44 8.74 -11.27 10.56
C PRO A 44 8.02 -10.53 9.42
N SER A 45 6.84 -10.00 9.74
CA SER A 45 6.04 -9.20 8.80
C SER A 45 5.08 -8.30 9.57
N SER A 46 4.71 -7.18 8.96
CA SER A 46 3.75 -6.24 9.53
C SER A 46 2.45 -6.95 9.91
N TYR A 47 1.96 -6.71 11.13
CA TYR A 47 0.75 -7.34 11.67
C TYR A 47 0.71 -8.85 11.49
N ASN A 48 1.88 -9.45 11.29
CA ASN A 48 2.03 -10.89 11.08
C ASN A 48 1.14 -11.40 9.93
N THR A 49 1.14 -10.65 8.83
CA THR A 49 0.34 -10.98 7.63
C THR A 49 0.92 -12.14 6.82
N GLN A 50 2.24 -12.30 6.92
CA GLN A 50 2.98 -13.38 6.24
C GLN A 50 2.52 -13.57 4.79
N PRO A 51 2.47 -12.49 3.99
CA PRO A 51 1.83 -12.60 2.68
C PRO A 51 2.76 -13.24 1.66
N TRP A 52 3.26 -14.42 2.01
CA TRP A 52 4.25 -15.11 1.19
C TRP A 52 3.93 -16.59 1.06
N HIS A 53 4.42 -17.19 -0.01
CA HIS A 53 4.46 -18.65 -0.10
C HIS A 53 5.76 -19.08 -0.75
N PHE A 54 6.43 -20.03 -0.12
CA PHE A 54 7.74 -20.48 -0.58
C PHE A 54 7.61 -21.82 -1.28
N VAL A 55 8.00 -21.86 -2.55
CA VAL A 55 7.95 -23.11 -3.32
C VAL A 55 9.36 -23.67 -3.45
N MET A 56 9.58 -24.84 -2.86
CA MET A 56 10.90 -25.49 -2.89
C MET A 56 11.02 -26.37 -4.13
N VAL A 57 11.82 -25.94 -5.09
CA VAL A 57 12.02 -26.70 -6.34
C VAL A 57 13.34 -27.48 -6.26
N THR A 58 13.24 -28.81 -6.26
CA THR A 58 14.42 -29.68 -6.21
C THR A 58 14.50 -30.66 -7.38
N ASP A 59 13.38 -30.87 -8.08
CA ASP A 59 13.35 -31.71 -9.27
C ASP A 59 14.18 -31.07 -10.39
N LYS A 60 15.15 -31.83 -10.91
CA LYS A 60 16.13 -31.28 -11.85
C LYS A 60 15.54 -30.80 -13.18
N ASP A 61 14.60 -31.55 -13.75
CA ASP A 61 13.94 -31.17 -14.99
C ASP A 61 13.06 -29.92 -14.80
N LEU A 62 12.39 -29.86 -13.66
CA LEU A 62 11.51 -28.75 -13.32
C LEU A 62 12.32 -27.47 -13.07
N LYS A 63 13.44 -27.62 -12.35
CA LYS A 63 14.37 -26.53 -12.11
C LYS A 63 15.08 -26.13 -13.42
N LYS A 64 15.43 -27.13 -14.22
CA LYS A 64 16.08 -26.94 -15.53
C LYS A 64 15.20 -26.10 -16.47
N GLN A 65 13.90 -26.36 -16.48
CA GLN A 65 12.94 -25.60 -17.28
C GLN A 65 12.88 -24.14 -16.84
N ILE A 66 12.91 -23.90 -15.54
CA ILE A 66 13.00 -22.55 -14.99
C ILE A 66 14.35 -21.91 -15.38
N ALA A 67 15.41 -22.72 -15.33
CA ALA A 67 16.77 -22.26 -15.66
C ALA A 67 16.87 -21.77 -17.11
N ALA A 68 16.30 -22.54 -18.04
CA ALA A 68 16.33 -22.21 -19.46
C ALA A 68 15.72 -20.84 -19.80
N HIS A 69 14.96 -20.29 -18.85
CA HIS A 69 14.33 -18.98 -19.03
C HIS A 69 14.77 -17.96 -17.97
N SER A 70 15.99 -18.15 -17.48
CA SER A 70 16.60 -17.23 -16.52
C SER A 70 17.81 -16.51 -17.15
N TYR A 71 17.94 -16.62 -18.46
CA TYR A 71 19.00 -15.95 -19.24
C TYR A 71 20.42 -16.36 -18.80
N PHE A 72 21.20 -15.37 -18.36
CA PHE A 72 22.58 -15.58 -17.91
C PHE A 72 22.69 -16.32 -16.58
N ASN A 73 21.54 -16.51 -15.92
CA ASN A 73 21.48 -17.24 -14.67
C ASN A 73 21.23 -18.75 -14.87
N GLU A 74 21.09 -19.17 -16.12
CA GLU A 74 20.74 -20.54 -16.49
C GLU A 74 21.65 -21.61 -15.88
N GLU A 75 22.95 -21.51 -16.15
CA GLU A 75 23.92 -22.48 -15.65
C GLU A 75 23.97 -22.50 -14.13
N MET A 76 23.84 -21.33 -13.51
CA MET A 76 23.78 -21.19 -12.05
C MET A 76 22.57 -21.91 -11.44
N ILE A 77 21.37 -21.63 -11.98
CA ILE A 77 20.13 -22.26 -11.52
C ILE A 77 20.24 -23.79 -11.62
N LYS A 78 20.74 -24.25 -12.77
CA LYS A 78 20.98 -25.68 -13.02
C LYS A 78 21.91 -26.28 -11.98
N SER A 79 22.98 -25.56 -11.64
CA SER A 79 24.00 -26.00 -10.69
C SER A 79 23.45 -26.15 -9.27
N ALA A 80 22.44 -25.36 -8.94
CA ALA A 80 21.93 -25.25 -7.58
C ALA A 80 21.26 -26.53 -7.09
N SER A 81 21.44 -26.81 -5.80
CA SER A 81 20.80 -27.96 -5.14
C SER A 81 19.29 -27.80 -5.09
N ALA A 82 18.84 -26.59 -4.79
CA ALA A 82 17.43 -26.26 -4.78
C ALA A 82 17.22 -24.82 -5.25
N LEU A 83 16.04 -24.55 -5.76
CA LEU A 83 15.66 -23.21 -6.17
C LEU A 83 14.38 -22.84 -5.46
N MET A 84 14.46 -21.80 -4.62
CA MET A 84 13.29 -21.30 -3.95
C MET A 84 12.60 -20.30 -4.86
N VAL A 85 11.28 -20.39 -4.93
CA VAL A 85 10.48 -19.43 -5.65
C VAL A 85 9.68 -18.66 -4.61
N VAL A 86 10.02 -17.40 -4.40
CA VAL A 86 9.38 -16.57 -3.39
C VAL A 86 8.13 -15.94 -3.99
N CYS A 87 6.97 -16.50 -3.66
CA CYS A 87 5.70 -16.05 -4.20
C CYS A 87 5.02 -15.05 -3.29
N SER A 88 4.48 -13.99 -3.89
CA SER A 88 3.67 -13.01 -3.19
C SER A 88 2.21 -13.47 -3.19
N LEU A 89 1.56 -13.32 -2.04
CA LEU A 89 0.13 -13.60 -1.91
C LEU A 89 -0.73 -12.65 -2.73
N ARG A 90 -1.90 -13.12 -3.14
CA ARG A 90 -2.94 -12.25 -3.70
C ARG A 90 -3.50 -11.34 -2.60
N PRO A 91 -3.86 -10.09 -2.97
CA PRO A 91 -4.48 -9.18 -2.00
C PRO A 91 -5.82 -9.69 -1.44
N SER A 92 -6.51 -10.53 -2.21
CA SER A 92 -7.78 -11.14 -1.79
C SER A 92 -7.57 -12.16 -0.67
N GLU A 93 -6.36 -12.72 -0.60
CA GLU A 93 -5.98 -13.66 0.45
C GLU A 93 -5.30 -12.95 1.60
N LEU A 94 -4.78 -11.75 1.34
CA LEU A 94 -4.20 -10.90 2.39
C LEU A 94 -5.30 -10.43 3.33
N LEU A 95 -6.32 -9.79 2.77
CA LEU A 95 -7.49 -9.34 3.50
C LEU A 95 -8.41 -10.53 3.83
N PRO A 96 -9.28 -10.39 4.84
CA PRO A 96 -10.21 -11.47 5.16
C PRO A 96 -11.29 -11.68 4.10
N MET A 129 3.61 -0.86 -7.98
CA MET A 129 2.95 0.44 -8.02
C MET A 129 1.60 0.41 -7.28
N GLN A 130 0.95 -0.76 -7.31
CA GLN A 130 -0.30 -0.96 -6.60
C GLN A 130 0.00 -1.03 -5.11
N ARG A 131 -0.73 -0.25 -4.31
CA ARG A 131 -0.42 -0.06 -2.90
C ARG A 131 -0.35 -1.37 -2.11
N LEU A 132 -1.37 -2.22 -2.23
CA LEU A 132 -1.37 -3.52 -1.54
C LEU A 132 -0.30 -4.48 -2.06
N GLU A 133 -0.05 -4.41 -3.36
CA GLU A 133 0.95 -5.25 -4.00
C GLU A 133 2.36 -4.89 -3.53
N SER A 134 2.65 -3.58 -3.42
CA SER A 134 3.93 -3.10 -2.93
C SER A 134 4.15 -3.44 -1.45
N TYR A 135 3.10 -3.30 -0.65
CA TYR A 135 3.12 -3.69 0.76
C TYR A 135 3.49 -5.18 0.93
N ILE A 136 2.84 -6.04 0.15
CA ILE A 136 3.08 -7.48 0.20
C ILE A 136 4.53 -7.83 -0.18
N LEU A 137 5.05 -7.16 -1.21
CA LEU A 137 6.44 -7.36 -1.64
C LEU A 137 7.45 -6.93 -0.56
N GLU A 138 7.11 -5.88 0.18
CA GLU A 138 7.97 -5.39 1.28
C GLU A 138 8.17 -6.47 2.34
N GLN A 139 7.09 -7.17 2.68
CA GLN A 139 7.14 -8.27 3.66
C GLN A 139 7.94 -9.44 3.12
N CYS A 140 7.71 -9.76 1.86
CA CYS A 140 8.44 -10.82 1.16
C CYS A 140 9.94 -10.56 1.12
N TYR A 141 10.30 -9.30 0.84
CA TYR A 141 11.71 -8.89 0.83
C TYR A 141 12.40 -9.04 2.19
N ILE A 142 11.68 -8.74 3.27
CA ILE A 142 12.20 -8.98 4.63
C ILE A 142 12.57 -10.45 4.78
N ALA A 143 11.61 -11.32 4.49
CA ALA A 143 11.80 -12.77 4.55
C ALA A 143 13.06 -13.19 3.79
N VAL A 144 13.26 -12.63 2.59
CA VAL A 144 14.44 -12.89 1.77
C VAL A 144 15.74 -12.57 2.53
N GLY A 145 15.77 -11.39 3.15
CA GLY A 145 16.92 -10.95 3.95
C GLY A 145 17.24 -11.87 5.12
N GLN A 146 16.19 -12.39 5.77
CA GLN A 146 16.34 -13.35 6.86
C GLN A 146 16.86 -14.70 6.34
N ILE A 147 16.21 -15.21 5.28
CA ILE A 147 16.56 -16.48 4.67
C ILE A 147 18.04 -16.59 4.31
N CYS A 148 18.56 -15.56 3.63
CA CYS A 148 19.94 -15.58 3.16
C CYS A 148 20.97 -15.51 4.29
N MET A 149 20.57 -14.92 5.41
CA MET A 149 21.38 -14.97 6.64
C MET A 149 21.33 -16.36 7.29
N GLY A 150 20.16 -16.98 7.26
CA GLY A 150 19.99 -18.34 7.81
C GLY A 150 20.79 -19.35 7.03
N VAL A 151 20.77 -19.22 5.69
CA VAL A 151 21.48 -20.12 4.78
C VAL A 151 23.00 -20.08 5.01
N SER A 152 23.50 -18.92 5.42
CA SER A 152 24.93 -18.76 5.72
C SER A 152 25.29 -19.39 7.06
N LEU A 153 24.34 -19.34 8.01
CA LEU A 153 24.55 -19.93 9.33
C LEU A 153 24.67 -21.46 9.30
N MET A 154 23.93 -22.08 8.39
CA MET A 154 23.97 -23.53 8.20
C MET A 154 25.29 -24.00 7.58
N GLY A 155 25.93 -23.12 6.82
CA GLY A 155 27.16 -23.46 6.11
C GLY A 155 26.96 -23.61 4.62
N LEU A 156 25.79 -23.15 4.15
CA LEU A 156 25.43 -23.26 2.75
C LEU A 156 25.48 -21.90 2.05
N ASP A 157 25.09 -21.85 0.79
CA ASP A 157 25.17 -20.62 0.00
C ASP A 157 23.92 -20.36 -0.81
N SER A 158 23.70 -19.08 -1.13
CA SER A 158 22.54 -18.65 -1.88
C SER A 158 22.87 -17.57 -2.91
N CYS A 159 21.93 -17.36 -3.83
CA CYS A 159 21.96 -16.21 -4.73
C CYS A 159 20.52 -15.81 -5.01
N ILE A 160 20.17 -14.59 -4.62
CA ILE A 160 18.86 -14.01 -4.95
C ILE A 160 18.84 -13.73 -6.45
N ILE A 161 17.75 -14.08 -7.13
CA ILE A 161 17.67 -13.93 -8.59
C ILE A 161 16.41 -13.22 -9.04
N GLY A 162 16.61 -12.07 -9.69
CA GLY A 162 15.53 -11.30 -10.31
C GLY A 162 15.64 -11.27 -11.83
N GLY A 163 16.75 -11.79 -12.34
CA GLY A 163 17.01 -11.82 -13.77
C GLY A 163 16.43 -13.05 -14.43
N PHE A 164 15.13 -13.01 -14.73
CA PHE A 164 14.43 -14.12 -15.38
C PHE A 164 13.17 -13.64 -16.10
N ASP A 165 12.74 -14.41 -17.09
CA ASP A 165 11.48 -14.19 -17.79
C ASP A 165 10.31 -14.59 -16.88
N PRO A 166 9.55 -13.60 -16.38
CA PRO A 166 8.49 -13.86 -15.40
C PRO A 166 7.29 -14.63 -15.96
N LEU A 167 6.91 -14.32 -17.19
CA LEU A 167 5.79 -15.01 -17.85
C LEU A 167 6.10 -16.47 -18.17
N LYS A 168 7.36 -16.75 -18.50
CA LYS A 168 7.79 -18.08 -18.91
C LYS A 168 7.98 -19.03 -17.73
N VAL A 169 8.52 -18.53 -16.63
CA VAL A 169 8.73 -19.34 -15.43
C VAL A 169 7.39 -19.67 -14.75
N GLY A 170 6.44 -18.76 -14.87
CA GLY A 170 5.07 -18.99 -14.39
C GLY A 170 4.41 -20.08 -15.22
N GLU A 171 4.58 -19.99 -16.54
CA GLU A 171 4.11 -20.98 -17.50
C GLU A 171 4.49 -22.41 -17.09
N VAL A 172 5.77 -22.64 -16.84
CA VAL A 172 6.28 -23.99 -16.52
C VAL A 172 5.98 -24.44 -15.10
N LEU A 173 5.31 -23.58 -14.32
CA LEU A 173 4.90 -23.92 -12.96
C LEU A 173 3.38 -23.87 -12.79
N GLU A 174 2.68 -23.55 -13.89
CA GLU A 174 1.22 -23.37 -13.89
C GLU A 174 0.42 -24.64 -13.55
N GLU A 175 0.66 -25.71 -14.31
CA GLU A 175 -0.09 -26.97 -14.14
C GLU A 175 0.16 -27.61 -12.78
N ARG A 176 1.29 -27.24 -12.17
CA ARG A 176 1.70 -27.78 -10.88
C ARG A 176 1.03 -27.02 -9.74
N ILE A 177 1.04 -25.69 -9.83
CA ILE A 177 0.37 -24.82 -8.86
C ILE A 177 -0.29 -23.62 -9.54
N ASN A 178 -1.36 -23.11 -8.95
CA ASN A 178 -2.06 -21.92 -9.45
C ASN A 178 -1.08 -20.81 -9.79
N LYS A 179 -1.32 -20.11 -10.90
CA LYS A 179 -0.42 -19.08 -11.41
C LYS A 179 -0.08 -18.04 -10.33
N PRO A 180 1.19 -18.07 -9.86
CA PRO A 180 1.62 -17.23 -8.77
C PRO A 180 2.25 -15.92 -9.23
N LYS A 181 2.20 -14.91 -8.36
CA LYS A 181 2.96 -13.69 -8.57
C LYS A 181 4.32 -13.87 -7.89
N ILE A 182 5.37 -13.81 -8.68
CA ILE A 182 6.72 -14.11 -8.20
C ILE A 182 7.49 -12.83 -7.89
N ALA A 183 7.86 -12.67 -6.62
CA ALA A 183 8.67 -11.53 -6.17
C ALA A 183 10.11 -11.68 -6.64
N CYS A 184 10.71 -12.82 -6.30
CA CYS A 184 12.08 -13.15 -6.71
C CYS A 184 12.35 -14.64 -6.51
N LEU A 185 13.48 -15.10 -7.04
CA LEU A 185 13.95 -16.46 -6.82
C LEU A 185 15.13 -16.44 -5.86
N ILE A 186 15.37 -17.56 -5.19
CA ILE A 186 16.61 -17.74 -4.42
C ILE A 186 17.21 -19.10 -4.76
N ALA A 187 18.33 -19.08 -5.48
CA ALA A 187 19.10 -20.31 -5.74
C ALA A 187 19.81 -20.71 -4.46
N LEU A 188 19.91 -22.01 -4.23
CA LEU A 188 20.46 -22.54 -2.98
C LEU A 188 21.41 -23.70 -3.26
N GLY A 189 22.40 -23.86 -2.40
CA GLY A 189 23.33 -24.99 -2.49
C GLY A 189 24.64 -24.84 -1.76
N LYS A 190 25.64 -25.60 -2.23
CA LYS A 190 27.00 -25.58 -1.70
C LYS A 190 27.92 -25.00 -2.76
N ARG A 191 28.84 -24.13 -2.35
CA ARG A 191 29.75 -23.46 -3.28
C ARG A 191 30.90 -24.34 -3.77
N VAL A 192 31.39 -24.05 -4.98
CA VAL A 192 32.61 -24.67 -5.51
C VAL A 192 33.79 -23.69 -5.42
N ALA A 193 33.50 -22.40 -5.57
CA ALA A 193 34.51 -21.36 -5.51
C ALA A 193 34.31 -20.46 -4.29
N GLU A 194 35.35 -19.73 -3.92
CA GLU A 194 35.32 -18.83 -2.76
C GLU A 194 34.33 -17.67 -2.93
N ALA A 195 34.05 -16.98 -1.83
CA ALA A 195 33.16 -15.82 -1.84
C ALA A 195 33.81 -14.65 -2.58
N SER A 196 33.00 -13.96 -3.38
CA SER A 196 33.45 -12.76 -4.10
C SER A 196 33.70 -11.63 -3.11
N GLN A 197 34.57 -10.69 -3.48
CA GLN A 197 34.86 -9.56 -2.62
C GLN A 197 33.69 -8.57 -2.57
N LYS A 198 33.43 -8.06 -1.36
CA LYS A 198 32.35 -7.10 -1.14
C LYS A 198 32.62 -5.75 -1.81
N SER A 199 31.64 -5.27 -2.56
CA SER A 199 31.67 -3.95 -3.18
C SER A 199 30.45 -3.16 -2.73
N ARG A 200 30.67 -2.17 -1.87
CA ARG A 200 29.60 -1.32 -1.35
C ARG A 200 30.01 0.15 -1.32
N LYS A 201 29.04 1.04 -1.50
CA LYS A 201 29.28 2.48 -1.39
C LYS A 201 29.71 2.86 0.02
N SER A 202 30.42 3.98 0.14
CA SER A 202 31.08 4.37 1.38
C SER A 202 30.13 4.40 2.58
N LYS A 203 30.69 4.12 3.76
CA LYS A 203 29.97 4.19 5.02
C LYS A 203 29.25 5.52 5.18
N VAL A 204 29.87 6.59 4.68
CA VAL A 204 29.28 7.93 4.70
C VAL A 204 28.01 8.01 3.84
N ASP A 205 28.06 7.41 2.65
CA ASP A 205 26.93 7.44 1.72
C ASP A 205 25.72 6.67 2.25
N ALA A 206 25.98 5.65 3.05
CA ALA A 206 24.94 4.75 3.56
C ALA A 206 24.46 5.08 4.98
N ILE A 207 25.34 5.67 5.80
CA ILE A 207 25.05 5.90 7.21
C ILE A 207 25.14 7.39 7.60
N THR A 208 24.13 7.87 8.31
CA THR A 208 24.14 9.18 8.96
C THR A 208 24.09 8.98 10.48
N TRP A 209 24.92 9.71 11.20
CA TRP A 209 25.07 9.52 12.64
C TRP A 209 24.40 10.60 13.45
N LEU A 210 23.41 10.19 14.25
CA LEU A 210 22.65 11.07 15.14
C LEU A 210 22.42 10.37 16.47
N MET B 1 32.24 -25.23 6.81
CA MET B 1 31.45 -25.87 7.91
C MET B 1 30.38 -24.93 8.47
N LYS B 2 29.82 -25.31 9.62
CA LYS B 2 28.77 -24.52 10.29
C LYS B 2 29.35 -23.32 11.03
N PHE B 3 28.56 -22.25 11.14
CA PHE B 3 28.85 -21.17 12.08
C PHE B 3 28.23 -21.52 13.42
N LEU B 4 27.00 -22.05 13.38
CA LEU B 4 26.30 -22.56 14.55
C LEU B 4 25.75 -23.94 14.25
N ASP B 5 25.66 -24.78 15.27
CA ASP B 5 25.06 -26.11 15.11
C ASP B 5 23.54 -26.01 15.02
N GLN B 6 22.87 -27.15 14.82
CA GLN B 6 21.42 -27.17 14.63
C GLN B 6 20.61 -26.52 15.75
N GLU B 7 20.93 -26.88 17.00
CA GLU B 7 20.18 -26.38 18.15
C GLU B 7 20.23 -24.85 18.24
N LYS B 8 21.42 -24.29 18.01
CA LYS B 8 21.63 -22.84 18.13
C LYS B 8 21.07 -22.05 16.95
N ARG B 9 20.98 -22.67 15.78
CA ARG B 9 20.35 -22.04 14.62
C ARG B 9 18.85 -21.97 14.85
N ARG B 10 18.29 -23.05 15.36
CA ARG B 10 16.88 -23.14 15.68
C ARG B 10 16.50 -22.21 16.85
N GLN B 11 17.43 -22.05 17.79
CA GLN B 11 17.24 -21.14 18.94
C GLN B 11 17.18 -19.69 18.48
N LEU B 12 18.06 -19.34 17.54
CA LEU B 12 18.18 -17.98 17.02
C LEU B 12 16.88 -17.47 16.39
N LEU B 13 16.26 -18.31 15.57
CA LEU B 13 15.01 -17.94 14.89
C LEU B 13 13.91 -17.56 15.87
N ASN B 14 13.99 -18.07 17.10
CA ASN B 14 13.11 -17.69 18.18
C ASN B 14 13.61 -16.47 18.96
N GLU B 15 14.93 -16.29 19.03
CA GLU B 15 15.52 -15.11 19.67
C GLU B 15 15.32 -13.87 18.79
N ARG B 16 15.23 -14.11 17.49
CA ARG B 16 14.84 -13.09 16.53
C ARG B 16 13.34 -12.92 16.65
N HIS B 17 12.94 -11.98 17.51
CA HIS B 17 11.54 -11.70 17.81
C HIS B 17 11.33 -10.21 17.99
N SER B 18 10.09 -9.76 17.86
CA SER B 18 9.75 -8.35 18.03
C SER B 18 9.71 -7.99 19.51
N CYS B 19 10.81 -7.41 19.99
CA CYS B 19 10.94 -7.03 21.38
C CYS B 19 10.12 -5.78 21.68
N LYS B 20 9.13 -5.92 22.55
CA LYS B 20 8.13 -4.88 22.76
C LYS B 20 8.60 -3.75 23.68
N MET B 21 9.46 -4.07 24.63
CA MET B 21 10.03 -3.08 25.54
C MET B 21 11.49 -3.36 25.82
N PHE B 22 12.27 -2.29 26.01
CA PHE B 22 13.72 -2.38 26.14
C PHE B 22 14.24 -1.88 27.49
N ASP B 23 15.46 -2.27 27.83
CA ASP B 23 16.16 -1.79 29.03
C ASP B 23 16.56 -0.32 28.84
N SER B 24 15.84 0.57 29.52
CA SER B 24 16.03 2.01 29.39
C SER B 24 17.33 2.50 30.04
N HIS B 25 18.01 1.60 30.75
CA HIS B 25 19.31 1.86 31.36
C HIS B 25 20.47 1.56 30.40
N TYR B 26 20.35 0.47 29.65
CA TYR B 26 21.39 -0.02 28.75
C TYR B 26 21.73 1.00 27.65
N GLU B 27 23.02 1.17 27.39
CA GLU B 27 23.52 2.13 26.41
C GLU B 27 24.45 1.46 25.42
N PHE B 28 24.27 1.76 24.14
CA PHE B 28 25.10 1.18 23.09
C PHE B 28 26.51 1.76 23.07
N SER B 29 27.49 0.87 23.07
CA SER B 29 28.88 1.26 22.83
C SER B 29 29.03 1.67 21.37
N SER B 30 30.11 2.37 21.05
CA SER B 30 30.43 2.71 19.66
C SER B 30 30.59 1.43 18.83
N THR B 31 31.16 0.40 19.44
CA THR B 31 31.42 -0.88 18.76
C THR B 31 30.11 -1.57 18.38
N GLU B 32 29.12 -1.54 19.26
CA GLU B 32 27.79 -2.06 18.98
C GLU B 32 27.14 -1.26 17.85
N LEU B 33 27.21 0.07 17.94
CA LEU B 33 26.68 0.97 16.92
C LEU B 33 27.28 0.72 15.53
N GLU B 34 28.60 0.56 15.47
CA GLU B 34 29.32 0.43 14.20
C GLU B 34 29.05 -0.90 13.48
N GLU B 35 28.85 -1.97 14.24
CA GLU B 35 28.53 -3.26 13.63
C GLU B 35 27.14 -3.22 13.00
N ILE B 36 26.16 -2.73 13.75
CA ILE B 36 24.77 -2.62 13.29
C ILE B 36 24.72 -1.86 11.95
N ALA B 37 25.49 -0.79 11.85
CA ALA B 37 25.58 0.01 10.62
C ALA B 37 26.24 -0.74 9.46
N GLU B 38 27.19 -1.61 9.79
CA GLU B 38 27.90 -2.39 8.76
C GLU B 38 27.06 -3.57 8.26
N ILE B 39 26.31 -4.20 9.15
CA ILE B 39 25.34 -5.24 8.79
C ILE B 39 24.35 -4.70 7.74
N ALA B 40 23.88 -3.48 7.98
CA ALA B 40 22.99 -2.77 7.08
C ALA B 40 23.64 -2.47 5.72
N ARG B 41 24.86 -1.94 5.75
CA ARG B 41 25.59 -1.55 4.54
C ARG B 41 25.95 -2.74 3.63
N LEU B 42 26.25 -3.89 4.24
CA LEU B 42 26.66 -5.08 3.48
C LEU B 42 25.47 -5.91 2.98
N SER B 43 24.26 -5.38 3.08
CA SER B 43 23.06 -6.04 2.58
C SER B 43 23.04 -6.13 1.06
N PRO B 44 22.34 -7.15 0.51
CA PRO B 44 22.29 -7.35 -0.95
C PRO B 44 21.13 -6.62 -1.64
N SER B 45 21.32 -6.30 -2.92
CA SER B 45 20.31 -5.58 -3.71
C SER B 45 20.56 -5.82 -5.20
N SER B 46 19.52 -5.55 -6.02
CA SER B 46 19.58 -5.74 -7.47
C SER B 46 20.79 -5.01 -8.06
N TYR B 47 21.62 -5.76 -8.78
CA TYR B 47 22.81 -5.21 -9.46
C TYR B 47 23.74 -4.43 -8.52
N ASN B 48 23.61 -4.69 -7.23
CA ASN B 48 24.36 -3.97 -6.18
C ASN B 48 24.07 -2.46 -6.21
N THR B 49 22.82 -2.12 -6.49
CA THR B 49 22.36 -0.73 -6.53
C THR B 49 22.42 -0.06 -5.16
N GLN B 50 22.11 -0.83 -4.12
CA GLN B 50 22.08 -0.34 -2.73
C GLN B 50 21.15 0.88 -2.58
N PRO B 51 19.85 0.69 -2.91
CA PRO B 51 18.90 1.79 -3.01
C PRO B 51 18.40 2.26 -1.65
N TRP B 52 19.32 2.61 -0.75
CA TRP B 52 18.97 2.86 0.64
C TRP B 52 19.91 3.82 1.36
N HIS B 53 19.49 4.24 2.53
CA HIS B 53 20.33 5.01 3.46
C HIS B 53 19.80 4.74 4.87
N PHE B 54 20.71 4.55 5.81
CA PHE B 54 20.36 4.20 7.19
C PHE B 54 20.78 5.32 8.14
N VAL B 55 19.82 5.81 8.93
CA VAL B 55 20.04 6.90 9.87
C VAL B 55 19.99 6.40 11.32
N MET B 56 21.09 6.55 12.05
CA MET B 56 21.20 6.04 13.41
C MET B 56 20.86 7.10 14.44
N VAL B 57 19.75 6.92 15.14
CA VAL B 57 19.35 7.85 16.20
C VAL B 57 19.71 7.26 17.56
N THR B 58 20.49 8.02 18.33
CA THR B 58 20.92 7.59 19.66
C THR B 58 20.56 8.61 20.73
N ASP B 59 20.67 9.89 20.38
CA ASP B 59 20.34 10.99 21.28
C ASP B 59 18.93 10.82 21.85
N LYS B 60 18.84 10.78 23.17
CA LYS B 60 17.59 10.44 23.86
C LYS B 60 16.49 11.47 23.67
N ASP B 61 16.87 12.73 23.46
CA ASP B 61 15.91 13.82 23.27
C ASP B 61 15.28 13.80 21.87
N LEU B 62 16.09 13.52 20.85
CA LEU B 62 15.61 13.41 19.48
C LEU B 62 14.79 12.13 19.29
N LYS B 63 15.22 11.06 19.94
CA LYS B 63 14.52 9.78 19.91
C LYS B 63 13.15 9.91 20.62
N LYS B 64 13.16 10.56 21.78
CA LYS B 64 11.96 10.96 22.51
C LYS B 64 10.97 11.70 21.59
N GLN B 65 11.49 12.60 20.74
CA GLN B 65 10.67 13.35 19.79
C GLN B 65 10.00 12.43 18.76
N ILE B 66 10.79 11.52 18.18
CA ILE B 66 10.29 10.57 17.18
C ILE B 66 9.25 9.63 17.79
N ALA B 67 9.51 9.19 19.02
CA ALA B 67 8.60 8.30 19.75
C ALA B 67 7.23 8.93 20.00
N ALA B 68 7.21 10.25 20.20
CA ALA B 68 5.96 10.99 20.44
C ALA B 68 5.01 10.93 19.25
N HIS B 69 5.55 10.66 18.05
CA HIS B 69 4.75 10.56 16.83
C HIS B 69 4.60 9.09 16.37
N SER B 70 4.98 8.16 17.23
CA SER B 70 5.01 6.74 16.86
C SER B 70 3.82 5.96 17.43
N TYR B 71 2.72 6.67 17.68
CA TYR B 71 1.48 6.09 18.17
C TYR B 71 1.72 5.13 19.34
N PHE B 72 1.30 3.88 19.17
CA PHE B 72 1.42 2.85 20.21
C PHE B 72 2.85 2.31 20.42
N ASN B 73 3.82 2.89 19.71
CA ASN B 73 5.23 2.51 19.83
C ASN B 73 6.06 3.49 20.66
N GLU B 74 5.39 4.44 21.31
CA GLU B 74 6.05 5.54 22.02
C GLU B 74 7.03 5.07 23.10
N GLU B 75 6.54 4.31 24.08
CA GLU B 75 7.37 3.84 25.19
C GLU B 75 8.51 2.92 24.76
N MET B 76 8.22 2.02 23.82
CA MET B 76 9.23 1.13 23.26
C MET B 76 10.45 1.89 22.76
N ILE B 77 10.21 2.85 21.87
CA ILE B 77 11.27 3.63 21.22
C ILE B 77 12.08 4.48 22.22
N LYS B 78 11.39 5.08 23.19
CA LYS B 78 12.06 5.85 24.26
C LYS B 78 13.00 4.96 25.09
N SER B 79 12.60 3.71 25.30
CA SER B 79 13.35 2.79 26.16
C SER B 79 14.48 2.06 25.43
N ALA B 80 14.47 2.13 24.09
CA ALA B 80 15.48 1.48 23.27
C ALA B 80 16.82 2.21 23.36
N SER B 81 17.91 1.46 23.20
CA SER B 81 19.26 2.04 23.22
C SER B 81 19.52 2.90 21.99
N ALA B 82 18.90 2.52 20.87
CA ALA B 82 18.99 3.28 19.63
C ALA B 82 17.74 3.09 18.78
N LEU B 83 17.61 3.92 17.74
CA LEU B 83 16.52 3.80 16.78
C LEU B 83 17.05 4.04 15.37
N MET B 84 16.96 3.02 14.53
CA MET B 84 17.36 3.15 13.14
C MET B 84 16.19 3.63 12.29
N VAL B 85 16.45 4.63 11.46
CA VAL B 85 15.47 5.10 10.49
C VAL B 85 15.94 4.65 9.10
N VAL B 86 15.24 3.67 8.53
CA VAL B 86 15.59 3.13 7.20
C VAL B 86 14.92 3.96 6.10
N CYS B 87 15.73 4.44 5.17
CA CYS B 87 15.26 5.31 4.09
C CYS B 87 15.60 4.74 2.71
N SER B 88 14.71 4.97 1.75
CA SER B 88 14.96 4.60 0.36
C SER B 88 15.29 5.83 -0.48
N LEU B 89 16.24 5.67 -1.41
CA LEU B 89 16.66 6.79 -2.26
C LEU B 89 15.87 6.89 -3.56
N SER B 134 12.82 -4.94 -9.54
CA SER B 134 11.73 -4.02 -9.85
C SER B 134 10.44 -4.42 -9.12
N TYR B 135 10.02 -3.60 -8.15
CA TYR B 135 10.68 -2.30 -7.92
C TYR B 135 11.78 -2.27 -6.87
N ILE B 136 12.86 -1.58 -7.26
CA ILE B 136 14.13 -1.58 -6.55
C ILE B 136 14.08 -0.75 -5.27
N LEU B 137 13.21 0.26 -5.24
CA LEU B 137 13.12 1.15 -4.09
C LEU B 137 12.47 0.51 -2.84
N GLU B 138 12.03 -0.74 -2.99
CA GLU B 138 11.49 -1.51 -1.86
C GLU B 138 12.56 -2.40 -1.22
N GLN B 139 13.74 -2.42 -1.82
CA GLN B 139 14.77 -3.39 -1.43
C GLN B 139 15.53 -3.04 -0.16
N CYS B 140 15.21 -1.89 0.44
CA CYS B 140 15.66 -1.56 1.80
C CYS B 140 15.10 -2.56 2.81
N TYR B 141 13.98 -3.19 2.44
CA TYR B 141 13.38 -4.23 3.27
C TYR B 141 14.17 -5.54 3.28
N ILE B 142 14.95 -5.80 2.22
CA ILE B 142 15.89 -6.92 2.24
C ILE B 142 16.96 -6.69 3.31
N ALA B 143 17.40 -5.44 3.44
CA ALA B 143 18.33 -5.05 4.51
C ALA B 143 17.72 -5.30 5.88
N VAL B 144 16.49 -4.81 6.08
CA VAL B 144 15.73 -4.99 7.33
C VAL B 144 15.84 -6.43 7.89
N GLY B 145 15.53 -7.42 7.05
CA GLY B 145 15.60 -8.83 7.43
C GLY B 145 17.01 -9.31 7.78
N GLN B 146 18.00 -8.84 7.03
CA GLN B 146 19.42 -9.13 7.32
C GLN B 146 19.85 -8.49 8.64
N ILE B 147 19.45 -7.24 8.85
CA ILE B 147 19.78 -6.48 10.06
C ILE B 147 19.31 -7.18 11.34
N CYS B 148 18.01 -7.49 11.40
CA CYS B 148 17.44 -8.10 12.61
C CYS B 148 18.08 -9.45 12.94
N MET B 149 18.44 -10.22 11.92
CA MET B 149 19.20 -11.46 12.09
C MET B 149 20.59 -11.19 12.67
N GLY B 150 21.26 -10.17 12.13
CA GLY B 150 22.59 -9.76 12.61
C GLY B 150 22.55 -9.23 14.03
N VAL B 151 21.50 -8.48 14.35
CA VAL B 151 21.27 -7.94 15.69
C VAL B 151 21.15 -9.07 16.72
N SER B 152 20.34 -10.09 16.39
CA SER B 152 20.16 -11.24 17.26
C SER B 152 21.40 -12.12 17.40
N LEU B 153 22.27 -12.10 16.39
CA LEU B 153 23.55 -12.81 16.46
C LEU B 153 24.50 -12.20 17.49
N MET B 154 24.37 -10.88 17.68
CA MET B 154 25.11 -10.13 18.69
C MET B 154 24.58 -10.37 20.09
N GLY B 155 23.39 -10.97 20.18
CA GLY B 155 22.73 -11.20 21.46
C GLY B 155 22.01 -9.96 21.97
N LEU B 156 21.48 -9.18 21.03
CA LEU B 156 20.70 -7.98 21.36
C LEU B 156 19.26 -8.16 20.91
N ASP B 157 18.50 -7.05 20.88
CA ASP B 157 17.08 -7.10 20.51
C ASP B 157 16.64 -5.96 19.59
N SER B 158 15.67 -6.25 18.73
CA SER B 158 15.13 -5.28 17.79
C SER B 158 13.62 -5.40 17.62
N CYS B 159 13.00 -4.32 17.14
CA CYS B 159 11.60 -4.35 16.72
C CYS B 159 11.44 -3.48 15.47
N ILE B 160 10.91 -4.09 14.41
CA ILE B 160 10.63 -3.37 13.17
C ILE B 160 9.32 -2.60 13.39
N ILE B 161 9.31 -1.33 12.99
CA ILE B 161 8.20 -0.44 13.31
C ILE B 161 7.62 0.22 12.05
N GLY B 162 6.34 -0.03 11.81
CA GLY B 162 5.61 0.63 10.72
C GLY B 162 4.53 1.58 11.22
N GLY B 163 4.33 1.62 12.53
CA GLY B 163 3.30 2.45 13.13
C GLY B 163 3.80 3.81 13.58
N PHE B 164 3.93 4.73 12.62
CA PHE B 164 4.34 6.10 12.90
C PHE B 164 3.73 7.09 11.90
N ASP B 165 3.74 8.37 12.26
CA ASP B 165 3.29 9.44 11.37
C ASP B 165 4.48 9.95 10.56
N PRO B 166 4.54 9.62 9.26
CA PRO B 166 5.68 9.96 8.40
C PRO B 166 5.85 11.47 8.18
N LEU B 167 4.75 12.22 8.26
CA LEU B 167 4.78 13.67 8.13
C LEU B 167 5.64 14.32 9.22
N LYS B 168 5.30 14.03 10.47
CA LYS B 168 5.95 14.70 11.61
C LYS B 168 7.28 14.07 12.02
N VAL B 169 7.45 12.77 11.74
CA VAL B 169 8.73 12.10 11.96
C VAL B 169 9.78 12.63 10.98
N GLY B 170 9.37 12.82 9.73
CA GLY B 170 10.22 13.43 8.71
C GLY B 170 10.52 14.89 8.97
N GLU B 171 9.58 15.58 9.61
CA GLU B 171 9.73 17.01 9.94
C GLU B 171 10.86 17.29 10.93
N VAL B 172 10.92 16.50 12.00
CA VAL B 172 11.93 16.70 13.05
C VAL B 172 13.34 16.32 12.59
N LEU B 173 13.43 15.55 11.50
CA LEU B 173 14.71 15.10 10.95
C LEU B 173 15.19 15.93 9.77
N GLU B 174 14.26 16.60 9.08
CA GLU B 174 14.55 17.24 7.78
C GLU B 174 15.54 18.41 7.82
N GLU B 175 15.87 18.90 9.00
CA GLU B 175 16.93 19.90 9.17
C GLU B 175 18.31 19.30 8.89
N ARG B 176 18.35 17.97 8.72
CA ARG B 176 19.60 17.24 8.53
C ARG B 176 19.58 16.43 7.23
N ILE B 177 18.68 15.46 7.15
CA ILE B 177 18.54 14.60 5.97
C ILE B 177 17.68 15.28 4.90
N ASN B 178 17.92 14.93 3.64
CA ASN B 178 17.19 15.53 2.51
C ASN B 178 15.86 14.81 2.20
N PRO B 180 14.76 11.23 4.03
CA PRO B 180 13.79 10.27 3.50
C PRO B 180 14.25 9.62 2.19
N LYS B 181 13.36 8.93 1.45
CA LYS B 181 11.99 8.62 1.89
C LYS B 181 12.03 7.58 3.02
N ILE B 182 11.42 7.92 4.16
CA ILE B 182 11.39 7.03 5.31
C ILE B 182 10.51 5.82 5.00
N ALA B 183 11.10 4.63 5.06
CA ALA B 183 10.38 3.39 4.82
C ALA B 183 9.78 2.85 6.12
N CYS B 184 10.65 2.51 7.07
CA CYS B 184 10.21 2.06 8.39
C CYS B 184 11.25 2.42 9.44
N LEU B 185 10.95 2.08 10.70
CA LEU B 185 11.89 2.27 11.80
C LEU B 185 12.32 0.90 12.34
N ILE B 186 13.45 0.89 13.05
CA ILE B 186 13.85 -0.29 13.83
C ILE B 186 14.40 0.16 15.18
N ALA B 187 13.71 -0.22 16.25
CA ALA B 187 14.19 -0.03 17.61
C ALA B 187 15.30 -1.04 17.88
N LEU B 188 16.34 -0.61 18.59
CA LEU B 188 17.49 -1.46 18.87
C LEU B 188 17.94 -1.26 20.32
N GLY B 189 18.22 -2.38 20.99
CA GLY B 189 18.72 -2.33 22.37
C GLY B 189 18.83 -3.68 23.05
N LYS B 190 18.59 -3.69 24.36
CA LYS B 190 18.57 -4.92 25.16
C LYS B 190 17.18 -5.19 25.71
N ARG B 191 16.80 -6.46 25.72
CA ARG B 191 15.50 -6.90 26.21
C ARG B 191 15.39 -6.77 27.74
N VAL B 192 14.17 -6.77 28.25
CA VAL B 192 13.93 -6.84 29.69
C VAL B 192 13.36 -8.19 30.11
N ALA B 193 12.81 -8.92 29.13
CA ALA B 193 12.19 -10.22 29.37
C ALA B 193 12.42 -11.18 28.22
N GLU B 194 11.92 -12.41 28.35
CA GLU B 194 12.12 -13.46 27.35
C GLU B 194 11.48 -13.11 25.99
N ALA B 195 11.90 -13.82 24.95
CA ALA B 195 11.31 -13.67 23.62
C ALA B 195 9.90 -14.25 23.57
N SER B 196 9.00 -13.55 22.89
CA SER B 196 7.62 -14.01 22.72
C SER B 196 7.50 -15.34 21.96
N GLN B 197 6.34 -15.98 22.08
CA GLN B 197 6.03 -17.25 21.43
C GLN B 197 5.82 -17.02 19.93
N LYS B 198 6.34 -17.91 19.11
CA LYS B 198 6.17 -17.80 17.66
C LYS B 198 4.78 -18.24 17.23
N SER B 199 4.00 -17.31 16.71
CA SER B 199 2.74 -17.64 16.07
C SER B 199 2.87 -17.40 14.57
N ARG B 200 2.71 -18.46 13.80
CA ARG B 200 2.77 -18.40 12.34
C ARG B 200 1.70 -19.31 11.75
N LYS B 201 1.34 -19.07 10.50
CA LYS B 201 0.45 -19.98 9.77
C LYS B 201 1.15 -21.33 9.58
N SER B 202 0.38 -22.38 9.33
CA SER B 202 0.90 -23.74 9.22
C SER B 202 2.01 -23.86 8.18
N LYS B 203 2.92 -24.83 8.40
CA LYS B 203 3.96 -25.13 7.41
C LYS B 203 3.33 -25.46 6.06
N VAL B 204 2.17 -26.12 6.13
CA VAL B 204 1.40 -26.49 4.94
C VAL B 204 0.92 -25.26 4.18
N ASP B 205 0.40 -24.26 4.91
CA ASP B 205 0.01 -22.98 4.34
C ASP B 205 1.20 -22.25 3.70
N ALA B 206 2.38 -22.42 4.30
CA ALA B 206 3.55 -21.62 3.94
C ALA B 206 4.48 -22.24 2.90
N ILE B 207 4.49 -23.57 2.80
CA ILE B 207 5.47 -24.27 1.98
C ILE B 207 4.85 -25.21 0.95
N THR B 208 5.31 -25.09 -0.31
CA THR B 208 5.01 -26.09 -1.33
C THR B 208 6.27 -26.89 -1.66
N TRP B 209 6.19 -28.20 -1.51
CA TRP B 209 7.33 -29.08 -1.76
C TRP B 209 7.31 -29.67 -3.17
N LEU B 210 8.27 -29.26 -3.98
CA LEU B 210 8.47 -29.82 -5.31
C LEU B 210 9.88 -30.41 -5.43
N MET C 1 -32.59 4.33 -19.98
CA MET C 1 -32.63 4.21 -18.48
C MET C 1 -31.78 5.27 -17.78
N LYS C 2 -31.63 6.42 -18.43
CA LYS C 2 -30.92 7.56 -17.83
C LYS C 2 -31.74 8.23 -16.74
N PHE C 3 -31.09 8.51 -15.61
CA PHE C 3 -31.74 9.12 -14.44
C PHE C 3 -32.10 10.58 -14.67
N LEU C 4 -31.24 11.28 -15.39
CA LEU C 4 -31.46 12.68 -15.75
C LEU C 4 -31.15 12.87 -17.23
N ASP C 5 -31.77 13.88 -17.84
CA ASP C 5 -31.47 14.24 -19.23
C ASP C 5 -30.09 14.87 -19.33
N GLN C 6 -29.71 15.31 -20.53
CA GLN C 6 -28.39 15.88 -20.78
C GLN C 6 -28.20 17.24 -20.11
N GLU C 7 -29.21 18.10 -20.17
CA GLU C 7 -29.12 19.46 -19.60
C GLU C 7 -28.84 19.42 -18.09
N LYS C 8 -29.62 18.62 -17.37
CA LYS C 8 -29.52 18.55 -15.90
C LYS C 8 -28.25 17.85 -15.43
N ARG C 9 -27.86 16.79 -16.14
CA ARG C 9 -26.58 16.11 -15.85
C ARG C 9 -25.42 17.10 -15.90
N ARG C 10 -25.39 17.94 -16.93
CA ARG C 10 -24.35 18.95 -17.10
C ARG C 10 -24.38 20.05 -16.05
N GLN C 11 -25.59 20.53 -15.71
CA GLN C 11 -25.73 21.60 -14.74
C GLN C 11 -25.21 21.17 -13.37
N LEU C 12 -25.50 19.92 -13.01
CA LEU C 12 -24.99 19.30 -11.77
C LEU C 12 -23.50 19.53 -11.52
N LEU C 13 -22.69 19.45 -12.58
CA LEU C 13 -21.24 19.61 -12.48
C LEU C 13 -20.83 21.01 -12.02
N ASN C 14 -21.62 22.01 -12.39
CA ASN C 14 -21.40 23.37 -11.91
C ASN C 14 -21.95 23.58 -10.50
N GLU C 15 -23.06 22.89 -10.20
CA GLU C 15 -23.71 22.98 -8.89
C GLU C 15 -22.88 22.28 -7.82
N ARG C 16 -22.19 21.21 -8.21
CA ARG C 16 -21.22 20.55 -7.35
C ARG C 16 -19.97 21.43 -7.34
N HIS C 17 -19.89 22.29 -6.32
CA HIS C 17 -18.79 23.23 -6.16
C HIS C 17 -18.40 23.35 -4.69
N SER C 18 -17.24 23.94 -4.44
CA SER C 18 -16.80 24.23 -3.08
C SER C 18 -17.50 25.47 -2.54
N CYS C 19 -18.62 25.25 -1.84
CA CYS C 19 -19.41 26.33 -1.25
C CYS C 19 -18.66 26.93 -0.07
N LYS C 20 -18.37 28.22 -0.17
CA LYS C 20 -17.47 28.90 0.78
C LYS C 20 -18.13 29.37 2.07
N MET C 21 -19.42 29.68 2.01
CA MET C 21 -20.20 30.10 3.19
C MET C 21 -21.60 29.51 3.10
N PHE C 22 -22.11 29.05 4.24
CA PHE C 22 -23.44 28.42 4.28
C PHE C 22 -24.46 29.26 5.04
N ASP C 23 -25.72 28.81 5.02
CA ASP C 23 -26.80 29.46 5.77
C ASP C 23 -26.77 28.97 7.22
N SER C 24 -26.39 29.85 8.13
CA SER C 24 -26.26 29.51 9.55
C SER C 24 -27.61 29.36 10.27
N HIS C 25 -28.70 29.33 9.51
CA HIS C 25 -30.04 29.11 10.06
C HIS C 25 -30.62 27.72 9.73
N TYR C 26 -30.08 27.08 8.69
CA TYR C 26 -30.60 25.81 8.20
C TYR C 26 -30.10 24.63 9.04
N GLU C 27 -31.00 23.72 9.40
CA GLU C 27 -30.63 22.48 10.09
C GLU C 27 -31.33 21.25 9.48
N PHE C 28 -30.52 20.23 9.17
CA PHE C 28 -31.00 19.01 8.51
C PHE C 28 -32.07 18.28 9.33
N SER C 29 -32.97 17.59 8.64
CA SER C 29 -33.90 16.67 9.26
C SER C 29 -33.21 15.31 9.46
N SER C 30 -33.91 14.38 10.11
CA SER C 30 -33.43 13.02 10.29
C SER C 30 -33.21 12.32 8.94
N THR C 31 -34.19 12.47 8.05
CA THR C 31 -34.14 11.85 6.72
C THR C 31 -32.95 12.36 5.90
N GLU C 32 -32.66 13.66 6.02
CA GLU C 32 -31.54 14.28 5.32
C GLU C 32 -30.19 13.81 5.84
N LEU C 33 -30.06 13.71 7.16
CA LEU C 33 -28.83 13.23 7.79
C LEU C 33 -28.55 11.77 7.47
N GLU C 34 -29.62 10.98 7.40
CA GLU C 34 -29.49 9.54 7.15
C GLU C 34 -29.28 9.23 5.66
N GLU C 35 -29.64 10.18 4.80
CA GLU C 35 -29.37 10.06 3.37
C GLU C 35 -27.88 10.28 3.06
N ILE C 36 -27.32 11.37 3.62
CA ILE C 36 -25.90 11.70 3.42
C ILE C 36 -25.00 10.57 3.94
N ALA C 37 -25.37 10.02 5.08
CA ALA C 37 -24.66 8.89 5.67
C ALA C 37 -24.79 7.61 4.83
N GLU C 38 -25.89 7.48 4.09
CA GLU C 38 -26.10 6.31 3.20
C GLU C 38 -25.27 6.38 1.93
N ILE C 39 -25.14 7.59 1.37
CA ILE C 39 -24.34 7.82 0.17
C ILE C 39 -22.87 7.48 0.43
N ALA C 40 -22.42 7.79 1.64
CA ALA C 40 -21.06 7.53 2.07
C ALA C 40 -20.81 6.04 2.26
N ARG C 41 -21.74 5.39 2.96
CA ARG C 41 -21.59 3.99 3.35
C ARG C 41 -21.65 3.02 2.15
N LEU C 42 -22.48 3.34 1.16
CA LEU C 42 -22.62 2.48 -0.03
C LEU C 42 -21.60 2.78 -1.13
N SER C 43 -20.62 3.63 -0.82
CA SER C 43 -19.51 3.94 -1.73
C SER C 43 -18.73 2.68 -2.12
N PRO C 44 -18.13 2.67 -3.33
CA PRO C 44 -17.28 1.54 -3.71
C PRO C 44 -15.90 1.60 -3.04
N SER C 45 -15.27 0.44 -2.89
CA SER C 45 -13.95 0.30 -2.28
C SER C 45 -13.28 -0.98 -2.74
N SER C 46 -11.96 -0.92 -2.88
CA SER C 46 -11.15 -2.05 -3.27
C SER C 46 -11.43 -3.24 -2.36
N TYR C 47 -11.79 -4.37 -2.97
CA TYR C 47 -12.15 -5.61 -2.26
C TYR C 47 -13.27 -5.43 -1.25
N ASN C 48 -14.07 -4.38 -1.43
CA ASN C 48 -15.17 -4.03 -0.53
C ASN C 48 -14.71 -3.87 0.93
N THR C 49 -13.47 -3.42 1.11
CA THR C 49 -12.89 -3.24 2.45
C THR C 49 -13.61 -2.17 3.29
N GLN C 50 -14.14 -1.14 2.61
CA GLN C 50 -14.85 -0.04 3.27
C GLN C 50 -14.05 0.50 4.47
N PRO C 51 -12.77 0.85 4.26
CA PRO C 51 -11.90 1.12 5.42
C PRO C 51 -12.08 2.54 5.96
N TRP C 52 -13.33 2.91 6.22
CA TRP C 52 -13.70 4.27 6.60
C TRP C 52 -14.66 4.29 7.79
N HIS C 53 -14.77 5.45 8.41
CA HIS C 53 -15.78 5.71 9.44
C HIS C 53 -16.18 7.18 9.37
N PHE C 54 -17.46 7.45 9.20
CA PHE C 54 -17.93 8.82 8.95
C PHE C 54 -18.52 9.46 10.20
N VAL C 55 -17.81 10.43 10.75
CA VAL C 55 -18.26 11.14 11.95
C VAL C 55 -19.15 12.31 11.51
N MET C 56 -20.40 12.29 11.96
CA MET C 56 -21.38 13.31 11.57
C MET C 56 -21.60 14.30 12.70
N VAL C 57 -20.87 15.41 12.67
CA VAL C 57 -20.96 16.43 13.71
C VAL C 57 -22.16 17.36 13.46
N THR C 58 -23.18 17.25 14.31
CA THR C 58 -24.39 18.07 14.18
C THR C 58 -24.50 19.15 15.26
N ASP C 59 -24.01 18.83 16.46
CA ASP C 59 -23.97 19.78 17.58
C ASP C 59 -23.17 21.03 17.22
N LYS C 60 -23.85 22.17 17.20
CA LYS C 60 -23.25 23.43 16.74
C LYS C 60 -22.10 23.93 17.62
N ASP C 61 -22.14 23.57 18.90
CA ASP C 61 -21.08 23.93 19.85
C ASP C 61 -19.77 23.20 19.53
N LEU C 62 -19.88 21.90 19.25
CA LEU C 62 -18.71 21.07 18.91
C LEU C 62 -18.16 21.43 17.53
N LYS C 63 -19.06 21.78 16.61
CA LYS C 63 -18.70 22.22 15.26
C LYS C 63 -17.93 23.54 15.31
N LYS C 64 -18.23 24.37 16.31
CA LYS C 64 -17.48 25.60 16.56
C LYS C 64 -16.07 25.31 17.08
N GLN C 65 -15.97 24.30 17.95
CA GLN C 65 -14.68 23.85 18.51
C GLN C 65 -13.71 23.35 17.45
N ILE C 66 -14.25 22.63 16.45
CA ILE C 66 -13.46 22.11 15.33
C ILE C 66 -12.96 23.25 14.42
N ALA C 67 -13.82 24.26 14.22
CA ALA C 67 -13.49 25.41 13.38
C ALA C 67 -12.29 26.21 13.88
N ALA C 68 -12.16 26.34 15.19
CA ALA C 68 -11.02 27.05 15.81
C ALA C 68 -9.65 26.49 15.38
N HIS C 69 -9.61 25.24 14.96
CA HIS C 69 -8.36 24.61 14.54
C HIS C 69 -8.33 24.32 13.03
N SER C 70 -9.17 25.02 12.28
CA SER C 70 -9.27 24.81 10.84
C SER C 70 -8.92 26.07 10.05
N TYR C 71 -7.95 26.82 10.56
CA TYR C 71 -7.42 28.02 9.90
C TYR C 71 -8.50 28.90 9.24
N PHE C 72 -8.39 29.09 7.92
CA PHE C 72 -9.23 30.06 7.19
C PHE C 72 -10.70 29.64 6.99
N ASN C 73 -10.99 28.37 7.25
CA ASN C 73 -12.32 27.81 7.02
C ASN C 73 -13.33 28.07 8.14
N GLU C 74 -12.85 28.63 9.27
CA GLU C 74 -13.62 28.80 10.50
C GLU C 74 -15.08 29.26 10.32
N GLU C 75 -15.27 30.34 9.58
CA GLU C 75 -16.60 30.94 9.40
C GLU C 75 -17.58 30.03 8.64
N MET C 76 -17.06 29.33 7.63
CA MET C 76 -17.84 28.38 6.84
C MET C 76 -18.36 27.22 7.69
N ILE C 77 -17.51 26.71 8.57
CA ILE C 77 -17.84 25.58 9.44
C ILE C 77 -19.00 25.90 10.38
N LYS C 78 -18.94 27.09 10.99
CA LYS C 78 -19.99 27.57 11.88
C LYS C 78 -21.31 27.77 11.14
N SER C 79 -21.22 28.21 9.89
CA SER C 79 -22.40 28.46 9.05
C SER C 79 -23.08 27.18 8.55
N ALA C 80 -22.30 26.10 8.42
CA ALA C 80 -22.80 24.84 7.86
C ALA C 80 -23.86 24.18 8.76
N SER C 81 -24.71 23.36 8.15
CA SER C 81 -25.75 22.64 8.89
C SER C 81 -25.15 21.46 9.64
N ALA C 82 -24.13 20.85 9.05
CA ALA C 82 -23.42 19.73 9.65
C ALA C 82 -21.98 19.70 9.14
N LEU C 83 -21.16 18.85 9.76
CA LEU C 83 -19.79 18.63 9.31
C LEU C 83 -19.48 17.15 9.37
N MET C 84 -19.18 16.55 8.22
CA MET C 84 -18.76 15.15 8.17
C MET C 84 -17.24 15.07 8.27
N VAL C 85 -16.77 14.40 9.32
CA VAL C 85 -15.36 14.08 9.44
C VAL C 85 -15.17 12.69 8.84
N VAL C 86 -14.43 12.63 7.73
CA VAL C 86 -14.15 11.35 7.08
C VAL C 86 -12.88 10.76 7.69
N CYS C 87 -13.03 9.64 8.38
CA CYS C 87 -11.91 9.01 9.06
C CYS C 87 -11.51 7.69 8.41
N SER C 88 -10.22 7.44 8.36
CA SER C 88 -9.70 6.17 7.84
C SER C 88 -9.53 5.22 9.00
N LEU C 89 -9.81 3.94 8.76
CA LEU C 89 -9.59 2.90 9.76
C LEU C 89 -8.10 2.67 9.95
N ARG C 90 -7.72 2.25 11.15
CA ARG C 90 -6.33 1.93 11.43
C ARG C 90 -5.96 0.62 10.70
N PRO C 91 -4.75 0.56 10.12
CA PRO C 91 -4.25 -0.62 9.41
C PRO C 91 -4.54 -1.95 10.12
N SER C 92 -4.59 -1.93 11.44
CA SER C 92 -4.96 -3.11 12.23
C SER C 92 -6.42 -3.51 11.98
N GLU C 93 -7.34 -2.56 12.16
CA GLU C 93 -8.78 -2.77 11.94
C GLU C 93 -9.09 -3.48 10.61
N LEU C 94 -8.26 -3.19 9.61
CA LEU C 94 -8.39 -3.78 8.27
C LEU C 94 -7.99 -5.26 8.25
N LEU C 95 -6.85 -5.56 8.86
CA LEU C 95 -6.29 -6.91 8.86
C LEU C 95 -6.87 -7.79 9.98
N PRO C 96 -6.82 -9.14 9.79
CA PRO C 96 -7.35 -10.14 10.73
C PRO C 96 -7.21 -9.78 12.21
N MET C 129 3.36 8.08 3.98
CA MET C 129 4.42 7.54 3.15
C MET C 129 4.33 6.02 2.99
N GLN C 130 3.71 5.36 3.97
CA GLN C 130 3.63 3.90 3.99
C GLN C 130 2.42 3.34 3.25
N ARG C 131 2.63 2.14 2.70
CA ARG C 131 1.72 1.54 1.70
C ARG C 131 0.30 1.29 2.19
N LEU C 132 0.15 0.75 3.40
CA LEU C 132 -1.17 0.45 3.94
C LEU C 132 -2.05 1.69 4.03
N GLU C 133 -1.55 2.71 4.72
CA GLU C 133 -2.31 3.95 4.92
C GLU C 133 -2.61 4.67 3.61
N SER C 134 -1.75 4.49 2.60
CA SER C 134 -2.01 5.03 1.27
C SER C 134 -3.19 4.31 0.61
N TYR C 135 -3.17 2.97 0.67
CA TYR C 135 -4.27 2.14 0.17
C TYR C 135 -5.61 2.48 0.84
N ILE C 136 -5.57 2.73 2.15
CA ILE C 136 -6.77 3.12 2.90
C ILE C 136 -7.26 4.50 2.45
N LEU C 137 -6.32 5.43 2.31
CA LEU C 137 -6.61 6.82 1.91
C LEU C 137 -7.29 6.92 0.55
N GLU C 138 -6.84 6.09 -0.39
CA GLU C 138 -7.40 6.04 -1.75
C GLU C 138 -8.91 5.78 -1.71
N GLN C 139 -9.32 4.81 -0.90
CA GLN C 139 -10.72 4.40 -0.81
C GLN C 139 -11.57 5.49 -0.15
N CYS C 140 -11.00 6.11 0.88
CA CYS C 140 -11.68 7.20 1.58
C CYS C 140 -11.95 8.36 0.62
N TYR C 141 -11.00 8.61 -0.28
CA TYR C 141 -11.15 9.61 -1.34
C TYR C 141 -12.24 9.27 -2.36
N ILE C 142 -12.42 7.98 -2.66
CA ILE C 142 -13.49 7.53 -3.55
C ILE C 142 -14.87 7.85 -2.94
N ALA C 143 -14.97 7.67 -1.63
CA ALA C 143 -16.20 8.02 -0.91
C ALA C 143 -16.46 9.52 -0.95
N VAL C 144 -15.39 10.31 -0.80
CA VAL C 144 -15.48 11.77 -0.86
C VAL C 144 -16.10 12.23 -2.18
N GLY C 145 -15.60 11.67 -3.29
CA GLY C 145 -16.13 11.95 -4.62
C GLY C 145 -17.60 11.63 -4.76
N GLN C 146 -18.00 10.44 -4.30
CA GLN C 146 -19.39 10.01 -4.36
C GLN C 146 -20.31 10.88 -3.51
N ILE C 147 -19.88 11.16 -2.27
CA ILE C 147 -20.64 11.99 -1.32
C ILE C 147 -21.08 13.32 -1.93
N CYS C 148 -20.12 14.13 -2.37
CA CYS C 148 -20.39 15.49 -2.85
C CYS C 148 -21.37 15.55 -4.04
N MET C 149 -21.28 14.56 -4.92
CA MET C 149 -22.22 14.43 -6.04
C MET C 149 -23.61 14.06 -5.53
N GLY C 150 -23.67 13.04 -4.68
CA GLY C 150 -24.92 12.58 -4.07
C GLY C 150 -25.61 13.67 -3.27
N VAL C 151 -24.81 14.49 -2.58
CA VAL C 151 -25.31 15.63 -1.82
C VAL C 151 -25.89 16.71 -2.73
N SER C 152 -25.15 17.05 -3.79
CA SER C 152 -25.56 18.07 -4.74
C SER C 152 -26.92 17.76 -5.37
N LEU C 153 -27.17 16.47 -5.60
CA LEU C 153 -28.44 15.98 -6.14
C LEU C 153 -29.61 16.25 -5.19
N MET C 154 -29.33 16.34 -3.89
CA MET C 154 -30.33 16.68 -2.88
C MET C 154 -30.62 18.18 -2.87
N GLY C 155 -30.03 18.90 -3.82
CA GLY C 155 -30.17 20.36 -3.90
C GLY C 155 -29.29 21.08 -2.90
N LEU C 156 -28.53 20.29 -2.13
CA LEU C 156 -27.70 20.82 -1.07
C LEU C 156 -26.26 21.00 -1.53
N ASP C 157 -25.42 21.54 -0.66
CA ASP C 157 -24.04 21.83 -1.03
C ASP C 157 -23.02 21.22 -0.08
N SER C 158 -21.79 21.16 -0.54
CA SER C 158 -20.68 20.63 0.25
C SER C 158 -19.42 21.45 0.03
N CYS C 159 -18.41 21.19 0.86
CA CYS C 159 -17.08 21.74 0.69
C CYS C 159 -16.07 20.86 1.41
N ILE C 160 -15.24 20.17 0.64
CA ILE C 160 -14.18 19.31 1.18
C ILE C 160 -13.10 20.20 1.82
N ILE C 161 -12.57 19.76 2.96
CA ILE C 161 -11.66 20.58 3.76
C ILE C 161 -10.44 19.79 4.23
N GLY C 162 -9.26 20.34 3.95
CA GLY C 162 -7.99 19.75 4.37
C GLY C 162 -7.13 20.72 5.15
N GLY C 163 -7.55 21.98 5.18
CA GLY C 163 -6.84 23.02 5.91
C GLY C 163 -7.23 23.04 7.37
N PHE C 164 -6.73 22.06 8.12
CA PHE C 164 -6.96 21.99 9.56
C PHE C 164 -5.74 21.40 10.29
N ASP C 165 -5.63 21.71 11.57
CA ASP C 165 -4.59 21.12 12.42
C ASP C 165 -5.06 19.73 12.86
N PRO C 166 -4.52 18.66 12.24
CA PRO C 166 -5.04 17.30 12.35
C PRO C 166 -5.06 16.74 13.78
N LEU C 167 -4.16 17.22 14.62
CA LEU C 167 -4.03 16.71 15.99
C LEU C 167 -4.74 17.60 17.00
N LYS C 168 -5.13 18.80 16.57
CA LYS C 168 -5.88 19.72 17.42
C LYS C 168 -7.38 19.47 17.25
N VAL C 169 -7.83 19.31 16.02
CA VAL C 169 -9.20 18.84 15.75
C VAL C 169 -9.35 17.39 16.24
N GLY C 170 -8.27 16.62 16.14
CA GLY C 170 -8.24 15.24 16.63
C GLY C 170 -8.34 15.18 18.14
N GLU C 171 -7.88 16.24 18.79
CA GLU C 171 -7.92 16.37 20.25
C GLU C 171 -9.33 16.66 20.75
N VAL C 172 -10.06 17.55 20.07
CA VAL C 172 -11.41 17.92 20.51
C VAL C 172 -12.38 16.74 20.42
N LEU C 173 -12.20 15.92 19.38
CA LEU C 173 -13.01 14.72 19.18
C LEU C 173 -12.70 13.64 20.22
N GLU C 174 -11.45 13.62 20.70
CA GLU C 174 -10.97 12.55 21.58
C GLU C 174 -11.77 12.37 22.88
N GLU C 175 -12.23 13.46 23.49
CA GLU C 175 -13.01 13.32 24.73
C GLU C 175 -14.45 12.87 24.50
N ARG C 176 -14.89 12.88 23.24
CA ARG C 176 -16.22 12.41 22.89
C ARG C 176 -16.18 11.04 22.19
N ILE C 177 -15.24 10.84 21.28
CA ILE C 177 -15.05 9.57 20.58
C ILE C 177 -13.59 9.10 20.64
N ASN C 178 -13.31 7.93 20.06
CA ASN C 178 -11.93 7.44 19.93
C ASN C 178 -11.03 8.39 19.16
N LYS C 179 -9.74 8.41 19.51
CA LYS C 179 -8.74 9.21 18.82
C LYS C 179 -8.77 8.88 17.32
N PRO C 180 -9.05 9.89 16.48
CA PRO C 180 -9.27 9.65 15.06
C PRO C 180 -8.01 9.70 14.20
N LYS C 181 -8.13 9.22 12.96
CA LYS C 181 -7.19 9.53 11.90
C LYS C 181 -8.03 10.08 10.75
N ILE C 182 -7.87 11.37 10.47
CA ILE C 182 -8.78 12.09 9.58
C ILE C 182 -8.25 12.15 8.14
N ALA C 183 -9.10 11.75 7.19
CA ALA C 183 -8.77 11.90 5.78
C ALA C 183 -9.03 13.33 5.33
N CYS C 184 -10.20 13.86 5.70
CA CYS C 184 -10.58 15.25 5.43
C CYS C 184 -11.86 15.59 6.19
N LEU C 185 -12.29 16.85 6.07
CA LEU C 185 -13.59 17.27 6.58
C LEU C 185 -14.47 17.69 5.40
N ILE C 186 -15.79 17.61 5.60
CA ILE C 186 -16.75 18.09 4.59
C ILE C 186 -17.89 18.85 5.26
N ALA C 187 -17.93 20.17 5.04
CA ALA C 187 -19.02 21.00 5.52
C ALA C 187 -20.25 20.82 4.64
N LEU C 188 -21.40 20.56 5.27
CA LEU C 188 -22.63 20.28 4.55
C LEU C 188 -23.74 21.24 4.94
N GLY C 189 -24.33 21.89 3.94
CA GLY C 189 -25.45 22.80 4.17
C GLY C 189 -26.02 23.43 2.91
N LYS C 190 -26.72 24.54 3.10
CA LYS C 190 -27.32 25.30 2.00
C LYS C 190 -26.44 26.51 1.68
N ARG C 191 -26.32 26.80 0.38
CA ARG C 191 -25.56 27.94 -0.12
C ARG C 191 -26.14 29.28 0.36
N VAL C 192 -25.29 30.31 0.41
CA VAL C 192 -25.79 31.69 0.60
C VAL C 192 -25.67 32.51 -0.67
N ALA C 193 -25.14 31.89 -1.73
CA ALA C 193 -24.94 32.55 -3.02
C ALA C 193 -25.01 31.54 -4.17
N GLU C 194 -24.89 32.05 -5.40
CA GLU C 194 -24.92 31.21 -6.59
C GLU C 194 -23.67 30.33 -6.66
N ALA C 195 -23.77 29.22 -7.39
CA ALA C 195 -22.64 28.30 -7.57
C ALA C 195 -21.51 28.97 -8.34
N SER C 196 -20.28 28.79 -7.84
CA SER C 196 -19.09 29.38 -8.44
C SER C 196 -18.86 28.87 -9.87
N GLN C 197 -18.26 29.70 -10.71
CA GLN C 197 -17.98 29.31 -12.08
C GLN C 197 -16.73 28.43 -12.12
N LYS C 198 -16.84 27.30 -12.82
CA LYS C 198 -15.74 26.34 -12.93
C LYS C 198 -14.48 26.90 -13.57
N SER C 199 -13.33 26.50 -13.01
CA SER C 199 -12.03 26.79 -13.59
C SER C 199 -11.14 25.56 -13.47
N ARG C 200 -10.68 25.04 -14.61
CA ARG C 200 -9.75 23.91 -14.65
C ARG C 200 -8.71 24.10 -15.74
N LYS C 201 -7.71 23.23 -15.77
CA LYS C 201 -6.79 23.13 -16.89
C LYS C 201 -7.56 22.74 -18.16
N SER C 202 -6.92 22.85 -19.32
CA SER C 202 -7.57 22.59 -20.61
C SER C 202 -8.00 21.13 -20.78
N LYS C 203 -8.98 20.90 -21.65
CA LYS C 203 -9.40 19.54 -22.02
C LYS C 203 -8.21 18.75 -22.57
N VAL C 204 -7.36 19.42 -23.33
CA VAL C 204 -6.13 18.85 -23.87
C VAL C 204 -5.17 18.41 -22.75
N ASP C 205 -5.07 19.23 -21.70
CA ASP C 205 -4.21 18.95 -20.57
C ASP C 205 -4.74 17.84 -19.68
N ALA C 206 -6.05 17.59 -19.74
CA ALA C 206 -6.71 16.63 -18.86
C ALA C 206 -6.90 15.24 -19.47
N ILE C 207 -7.17 15.19 -20.77
CA ILE C 207 -7.60 13.95 -21.43
C ILE C 207 -6.65 13.50 -22.55
N THR C 208 -6.39 12.20 -22.61
CA THR C 208 -5.74 11.58 -23.77
C THR C 208 -6.75 10.69 -24.50
N TRP C 209 -6.89 10.93 -25.81
CA TRP C 209 -7.88 10.22 -26.62
C TRP C 209 -7.26 9.04 -27.37
N LEU C 210 -7.20 7.89 -26.72
CA LEU C 210 -6.78 6.67 -27.39
C LEU C 210 -8.00 5.84 -27.82
N MET D 1 -32.88 23.68 -5.25
CA MET D 1 -33.78 22.67 -5.85
C MET D 1 -33.07 21.33 -6.04
N LYS D 2 -33.75 20.26 -5.64
CA LYS D 2 -33.29 18.88 -5.83
C LYS D 2 -33.24 18.52 -7.32
N PHE D 3 -32.31 17.65 -7.69
CA PHE D 3 -32.22 17.16 -9.07
C PHE D 3 -33.12 15.94 -9.29
N LEU D 4 -33.34 15.16 -8.23
CA LEU D 4 -34.13 13.93 -8.30
C LEU D 4 -34.94 13.75 -7.01
N ASP D 5 -35.97 12.91 -7.05
CA ASP D 5 -36.76 12.61 -5.84
C ASP D 5 -36.14 11.47 -5.02
N GLN D 6 -36.75 11.14 -3.89
CA GLN D 6 -36.21 10.16 -2.94
C GLN D 6 -36.08 8.74 -3.53
N GLU D 7 -37.07 8.33 -4.32
CA GLU D 7 -37.02 7.01 -4.97
C GLU D 7 -35.83 6.89 -5.91
N LYS D 8 -35.64 7.91 -6.76
CA LYS D 8 -34.58 7.92 -7.77
C LYS D 8 -33.19 8.02 -7.14
N ARG D 9 -33.02 8.94 -6.20
CA ARG D 9 -31.73 9.17 -5.53
C ARG D 9 -31.20 7.91 -4.85
N ARG D 10 -32.09 7.13 -4.26
CA ARG D 10 -31.74 5.88 -3.58
C ARG D 10 -31.48 4.73 -4.55
N GLN D 11 -32.32 4.60 -5.58
CA GLN D 11 -32.09 3.61 -6.63
C GLN D 11 -30.74 3.85 -7.31
N LEU D 12 -30.37 5.13 -7.45
CA LEU D 12 -29.08 5.54 -8.00
C LEU D 12 -27.90 4.90 -7.26
N LEU D 13 -28.04 4.76 -5.94
CA LEU D 13 -27.00 4.14 -5.12
C LEU D 13 -26.92 2.63 -5.30
N ASN D 14 -28.02 2.03 -5.74
CA ASN D 14 -28.06 0.59 -6.05
C ASN D 14 -27.58 0.31 -7.47
N GLU D 15 -27.95 1.18 -8.41
CA GLU D 15 -27.58 1.01 -9.82
C GLU D 15 -26.09 1.28 -10.02
N ARG D 16 -25.56 2.23 -9.26
CA ARG D 16 -24.12 2.49 -9.19
C ARG D 16 -23.49 1.27 -8.52
N HIS D 17 -22.97 0.37 -9.35
CA HIS D 17 -22.43 -0.90 -8.90
C HIS D 17 -21.24 -1.28 -9.77
N SER D 18 -20.50 -2.28 -9.34
CA SER D 18 -19.36 -2.79 -10.11
C SER D 18 -19.84 -3.81 -11.13
N CYS D 19 -19.98 -3.35 -12.37
CA CYS D 19 -20.48 -4.17 -13.46
C CYS D 19 -19.41 -5.12 -13.99
N LYS D 20 -19.65 -6.42 -13.83
CA LYS D 20 -18.65 -7.42 -14.16
C LYS D 20 -18.80 -7.96 -15.58
N MET D 21 -19.73 -7.40 -16.34
CA MET D 21 -19.94 -7.76 -17.76
C MET D 21 -20.69 -6.68 -18.53
N PHE D 22 -20.19 -6.33 -19.71
CA PHE D 22 -20.77 -5.27 -20.54
C PHE D 22 -21.23 -5.75 -21.91
N ASP D 23 -21.97 -4.90 -22.61
CA ASP D 23 -22.39 -5.17 -23.98
C ASP D 23 -21.26 -4.80 -24.94
N SER D 24 -20.70 -5.83 -25.59
CA SER D 24 -19.62 -5.68 -26.55
C SER D 24 -20.10 -5.02 -27.85
N HIS D 25 -21.40 -5.15 -28.11
CA HIS D 25 -22.01 -4.62 -29.32
C HIS D 25 -22.45 -3.16 -29.17
N TYR D 26 -22.37 -2.66 -27.94
CA TYR D 26 -22.64 -1.25 -27.66
C TYR D 26 -21.34 -0.44 -27.73
N GLU D 27 -21.33 0.58 -28.58
CA GLU D 27 -20.19 1.49 -28.71
C GLU D 27 -20.61 2.91 -28.34
N PHE D 28 -19.73 3.64 -27.66
CA PHE D 28 -20.02 5.00 -27.23
C PHE D 28 -19.91 6.01 -28.36
N SER D 29 -20.73 7.05 -28.31
CA SER D 29 -20.65 8.16 -29.26
C SER D 29 -19.63 9.20 -28.78
N SER D 30 -19.37 10.22 -29.60
CA SER D 30 -18.48 11.31 -29.20
C SER D 30 -19.00 12.08 -27.98
N THR D 31 -20.30 12.36 -27.94
CA THR D 31 -20.89 13.12 -26.83
C THR D 31 -20.84 12.33 -25.50
N GLU D 32 -21.07 11.02 -25.57
CA GLU D 32 -20.96 10.15 -24.39
C GLU D 32 -19.54 10.11 -23.82
N LEU D 33 -18.56 9.97 -24.70
CA LEU D 33 -17.15 9.98 -24.30
C LEU D 33 -16.71 11.34 -23.77
N GLU D 34 -17.18 12.41 -24.40
CA GLU D 34 -16.88 13.79 -23.97
C GLU D 34 -17.56 14.14 -22.64
N GLU D 35 -18.70 13.53 -22.36
CA GLU D 35 -19.43 13.76 -21.09
C GLU D 35 -18.70 13.13 -19.90
N ILE D 36 -18.29 11.87 -20.06
CA ILE D 36 -17.53 11.17 -19.01
C ILE D 36 -16.18 11.86 -18.77
N ALA D 37 -15.61 12.39 -19.86
CA ALA D 37 -14.39 13.20 -19.77
C ALA D 37 -14.63 14.47 -18.94
N GLU D 38 -15.78 15.09 -19.13
CA GLU D 38 -16.16 16.30 -18.38
C GLU D 38 -16.36 16.01 -16.89
N ILE D 39 -17.05 14.90 -16.59
CA ILE D 39 -17.28 14.47 -15.20
C ILE D 39 -15.94 14.29 -14.48
N ALA D 40 -15.01 13.62 -15.17
CA ALA D 40 -13.63 13.46 -14.69
C ALA D 40 -12.93 14.81 -14.46
N ARG D 41 -12.78 15.59 -15.53
CA ARG D 41 -12.04 16.87 -15.53
C ARG D 41 -12.49 17.88 -14.47
N LEU D 42 -13.80 17.96 -14.22
CA LEU D 42 -14.34 18.97 -13.32
C LEU D 42 -14.50 18.49 -11.87
N SER D 43 -13.68 17.52 -11.49
CA SER D 43 -13.66 17.02 -10.11
C SER D 43 -12.90 17.98 -9.17
N PRO D 44 -13.15 17.86 -7.84
CA PRO D 44 -12.47 18.76 -6.91
C PRO D 44 -11.11 18.22 -6.43
N SER D 45 -10.21 19.15 -6.13
CA SER D 45 -8.86 18.81 -5.66
C SER D 45 -8.29 19.92 -4.78
N SER D 46 -7.39 19.55 -3.86
CA SER D 46 -6.68 20.50 -3.00
C SER D 46 -5.91 21.53 -3.84
N TYR D 47 -6.12 22.80 -3.52
CA TYR D 47 -5.51 23.93 -4.25
C TYR D 47 -5.86 23.96 -5.74
N ASN D 48 -6.84 23.16 -6.15
CA ASN D 48 -7.18 22.96 -7.57
C ASN D 48 -5.95 22.52 -8.38
N THR D 49 -5.15 21.64 -7.76
CA THR D 49 -3.92 21.12 -8.38
C THR D 49 -4.21 20.10 -9.46
N GLN D 50 -5.43 19.55 -9.45
CA GLN D 50 -5.89 18.62 -10.49
C GLN D 50 -4.81 17.60 -10.85
N PRO D 51 -4.37 16.79 -9.87
CA PRO D 51 -3.17 15.98 -9.99
C PRO D 51 -3.42 14.67 -10.74
N TRP D 52 -4.18 14.77 -11.84
CA TRP D 52 -4.65 13.60 -12.57
C TRP D 52 -4.48 13.78 -14.08
N HIS D 53 -4.64 12.66 -14.80
CA HIS D 53 -4.76 12.67 -16.25
C HIS D 53 -5.56 11.42 -16.63
N PHE D 54 -6.48 11.58 -17.58
CA PHE D 54 -7.37 10.47 -17.93
C PHE D 54 -7.21 10.02 -19.37
N VAL D 55 -6.79 8.77 -19.53
CA VAL D 55 -6.63 8.17 -20.84
C VAL D 55 -7.90 7.41 -21.21
N MET D 56 -8.57 7.85 -22.27
CA MET D 56 -9.80 7.21 -22.75
C MET D 56 -9.47 6.19 -23.83
N VAL D 57 -9.35 4.92 -23.45
CA VAL D 57 -9.06 3.86 -24.41
C VAL D 57 -10.34 3.43 -25.13
N THR D 58 -10.39 3.70 -26.43
CA THR D 58 -11.58 3.39 -27.24
C THR D 58 -11.27 2.38 -28.35
N ASP D 59 -9.99 2.20 -28.65
CA ASP D 59 -9.55 1.21 -29.63
C ASP D 59 -9.74 -0.20 -29.07
N LYS D 60 -10.44 -1.04 -29.83
CA LYS D 60 -10.77 -2.41 -29.38
C LYS D 60 -9.54 -3.29 -29.16
N ASP D 61 -8.62 -3.26 -30.12
CA ASP D 61 -7.38 -4.01 -30.04
C ASP D 61 -6.51 -3.59 -28.86
N LEU D 62 -6.36 -2.28 -28.68
CA LEU D 62 -5.56 -1.73 -27.59
C LEU D 62 -6.14 -2.14 -26.23
N LYS D 63 -7.47 -2.10 -26.13
CA LYS D 63 -8.18 -2.50 -24.92
C LYS D 63 -7.98 -3.98 -24.61
N LYS D 64 -7.80 -4.79 -25.65
CA LYS D 64 -7.56 -6.22 -25.52
C LYS D 64 -6.15 -6.51 -25.00
N GLN D 65 -5.18 -5.72 -25.46
CA GLN D 65 -3.78 -5.84 -25.00
C GLN D 65 -3.60 -5.45 -23.54
N ILE D 66 -4.45 -4.54 -23.05
CA ILE D 66 -4.51 -4.21 -21.63
C ILE D 66 -5.19 -5.34 -20.87
N ALA D 67 -6.35 -5.77 -21.36
CA ALA D 67 -7.13 -6.86 -20.76
C ALA D 67 -6.31 -8.12 -20.52
N ALA D 68 -5.46 -8.47 -21.49
CA ALA D 68 -4.56 -9.62 -21.39
C ALA D 68 -3.66 -9.53 -20.16
N HIS D 69 -3.41 -8.30 -19.71
CA HIS D 69 -2.57 -8.07 -18.53
C HIS D 69 -3.39 -7.56 -17.33
N SER D 70 -4.59 -8.12 -17.19
CA SER D 70 -5.51 -7.72 -16.13
C SER D 70 -6.14 -8.93 -15.42
N TYR D 71 -5.42 -10.06 -15.47
CA TYR D 71 -5.77 -11.30 -14.76
C TYR D 71 -7.22 -11.75 -15.00
N PHE D 72 -8.01 -11.80 -13.93
CA PHE D 72 -9.39 -12.30 -13.97
C PHE D 72 -10.40 -11.33 -14.60
N ASN D 73 -9.97 -10.10 -14.84
CA ASN D 73 -10.85 -9.06 -15.37
C ASN D 73 -10.88 -8.98 -16.90
N GLU D 74 -10.09 -9.84 -17.56
CA GLU D 74 -9.94 -9.80 -19.02
C GLU D 74 -11.27 -9.81 -19.78
N GLU D 75 -12.13 -10.79 -19.49
CA GLU D 75 -13.41 -10.91 -20.20
C GLU D 75 -14.32 -9.70 -20.00
N MET D 76 -14.27 -9.13 -18.80
CA MET D 76 -15.01 -7.90 -18.48
C MET D 76 -14.53 -6.71 -19.31
N ILE D 77 -13.21 -6.55 -19.40
CA ILE D 77 -12.60 -5.43 -20.14
C ILE D 77 -12.80 -5.59 -21.65
N LYS D 78 -12.70 -6.83 -22.13
CA LYS D 78 -13.00 -7.15 -23.53
C LYS D 78 -14.42 -6.72 -23.93
N SER D 79 -15.39 -6.92 -23.03
CA SER D 79 -16.78 -6.59 -23.30
C SER D 79 -17.07 -5.08 -23.22
N ALA D 80 -16.34 -4.40 -22.34
CA ALA D 80 -16.52 -2.97 -22.09
C ALA D 80 -16.45 -2.13 -23.36
N SER D 81 -17.19 -1.02 -23.40
CA SER D 81 -17.18 -0.11 -24.54
C SER D 81 -15.91 0.73 -24.57
N ALA D 82 -15.45 1.11 -23.38
CA ALA D 82 -14.24 1.93 -23.22
C ALA D 82 -13.54 1.62 -21.90
N LEU D 83 -12.21 1.75 -21.91
CA LEU D 83 -11.45 1.61 -20.68
C LEU D 83 -10.75 2.91 -20.33
N MET D 84 -11.12 3.48 -19.18
CA MET D 84 -10.43 4.68 -18.69
C MET D 84 -9.24 4.30 -17.83
N VAL D 85 -8.09 4.88 -18.14
CA VAL D 85 -6.89 4.73 -17.33
C VAL D 85 -6.75 5.98 -16.47
N VAL D 86 -6.97 5.82 -15.17
CA VAL D 86 -6.82 6.93 -14.22
C VAL D 86 -5.34 7.08 -13.86
N CYS D 87 -4.80 8.26 -14.12
CA CYS D 87 -3.38 8.52 -13.86
C CYS D 87 -3.19 9.61 -12.82
N SER D 88 -2.12 9.48 -12.04
CA SER D 88 -1.72 10.49 -11.07
C SER D 88 -0.65 11.42 -11.66
N LEU D 89 -0.38 12.51 -10.93
CA LEU D 89 0.69 13.45 -11.30
C LEU D 89 1.61 13.70 -10.10
N SER D 134 -3.58 11.80 3.30
CA SER D 134 -3.93 13.20 3.13
C SER D 134 -3.19 13.86 1.96
N TYR D 135 -2.53 13.07 1.14
CA TYR D 135 -1.67 13.63 0.09
C TYR D 135 -2.37 13.93 -1.23
N ILE D 136 -1.91 15.00 -1.87
CA ILE D 136 -2.45 15.50 -3.13
C ILE D 136 -2.34 14.48 -4.28
N LEU D 137 -1.21 13.76 -4.33
CA LEU D 137 -0.96 12.79 -5.41
C LEU D 137 -1.95 11.62 -5.46
N GLU D 138 -2.76 11.47 -4.41
CA GLU D 138 -3.78 10.41 -4.35
C GLU D 138 -5.17 10.91 -4.73
N GLN D 139 -5.30 12.19 -5.07
CA GLN D 139 -6.61 12.82 -5.24
C GLN D 139 -7.35 12.51 -6.55
N CYS D 140 -6.67 11.77 -7.44
CA CYS D 140 -7.32 11.16 -8.60
C CYS D 140 -8.43 10.19 -8.20
N TYR D 141 -8.37 9.68 -6.97
CA TYR D 141 -9.41 8.80 -6.45
C TYR D 141 -10.71 9.52 -6.06
N ILE D 142 -10.64 10.82 -5.78
CA ILE D 142 -11.85 11.64 -5.62
C ILE D 142 -12.58 11.73 -6.97
N ALA D 143 -11.80 11.97 -8.02
CA ALA D 143 -12.33 11.99 -9.38
C ALA D 143 -13.00 10.67 -9.75
N VAL D 144 -12.43 9.55 -9.28
CA VAL D 144 -13.00 8.22 -9.50
C VAL D 144 -14.42 8.10 -8.92
N GLY D 145 -14.58 8.53 -7.67
CA GLY D 145 -15.88 8.52 -6.98
C GLY D 145 -16.92 9.35 -7.72
N GLN D 146 -16.53 10.56 -8.12
CA GLN D 146 -17.40 11.45 -8.91
C GLN D 146 -17.78 10.82 -10.26
N ILE D 147 -16.77 10.31 -10.99
CA ILE D 147 -16.96 9.69 -12.31
C ILE D 147 -18.08 8.65 -12.33
N CYS D 148 -18.00 7.69 -11.40
CA CYS D 148 -18.90 6.54 -11.41
C CYS D 148 -20.35 6.90 -11.09
N MET D 149 -20.55 7.91 -10.25
CA MET D 149 -21.88 8.47 -10.00
C MET D 149 -22.40 9.17 -11.26
N GLY D 150 -21.53 9.91 -11.93
CA GLY D 150 -21.87 10.59 -13.18
C GLY D 150 -22.24 9.62 -14.30
N VAL D 151 -21.50 8.52 -14.38
CA VAL D 151 -21.75 7.46 -15.38
C VAL D 151 -23.10 6.78 -15.19
N SER D 152 -23.48 6.55 -13.93
CA SER D 152 -24.79 5.95 -13.62
C SER D 152 -25.95 6.83 -14.07
N LEU D 153 -25.85 8.14 -13.81
CA LEU D 153 -26.88 9.10 -14.22
C LEU D 153 -27.13 9.06 -15.73
N MET D 154 -26.08 8.83 -16.51
CA MET D 154 -26.17 8.66 -17.96
C MET D 154 -26.88 7.36 -18.36
N GLY D 155 -27.21 6.54 -17.37
CA GLY D 155 -27.82 5.23 -17.60
C GLY D 155 -26.78 4.16 -17.87
N LEU D 156 -25.52 4.58 -17.91
CA LEU D 156 -24.40 3.69 -18.20
C LEU D 156 -23.83 3.09 -16.92
N ASP D 157 -22.93 2.13 -17.06
CA ASP D 157 -22.38 1.42 -15.91
C ASP D 157 -20.85 1.49 -15.88
N SER D 158 -20.28 1.20 -14.72
CA SER D 158 -18.83 1.19 -14.54
C SER D 158 -18.39 0.04 -13.64
N CYS D 159 -17.10 -0.29 -13.74
CA CYS D 159 -16.44 -1.16 -12.77
C CYS D 159 -15.02 -0.63 -12.59
N ILE D 160 -14.73 -0.08 -11.41
CA ILE D 160 -13.38 0.34 -11.06
C ILE D 160 -12.51 -0.91 -10.99
N ILE D 161 -11.30 -0.83 -11.53
CA ILE D 161 -10.40 -1.99 -11.60
C ILE D 161 -9.01 -1.65 -11.07
N GLY D 162 -8.61 -2.34 -10.01
CA GLY D 162 -7.28 -2.21 -9.43
C GLY D 162 -6.44 -3.44 -9.69
N GLY D 163 -7.09 -4.55 -10.01
CA GLY D 163 -6.42 -5.81 -10.29
C GLY D 163 -5.91 -5.90 -11.72
N PHE D 164 -4.70 -5.38 -11.93
CA PHE D 164 -4.03 -5.43 -13.23
C PHE D 164 -2.53 -5.34 -13.01
N ASP D 165 -1.75 -5.89 -13.95
CA ASP D 165 -0.30 -5.79 -13.88
C ASP D 165 0.14 -4.38 -14.28
N PRO D 166 0.70 -3.61 -13.31
CA PRO D 166 1.08 -2.22 -13.57
C PRO D 166 2.14 -2.09 -14.66
N LEU D 167 3.10 -3.01 -14.68
CA LEU D 167 4.20 -2.98 -15.65
C LEU D 167 3.78 -3.39 -17.05
N LYS D 168 3.00 -4.47 -17.17
CA LYS D 168 2.54 -4.93 -18.47
C LYS D 168 1.55 -3.95 -19.11
N VAL D 169 0.71 -3.32 -18.29
CA VAL D 169 -0.24 -2.29 -18.77
C VAL D 169 0.49 -0.99 -19.13
N GLY D 170 1.53 -0.67 -18.37
CA GLY D 170 2.39 0.46 -18.68
C GLY D 170 3.13 0.27 -19.99
N GLU D 171 3.56 -0.97 -20.22
CA GLU D 171 4.29 -1.34 -21.45
C GLU D 171 3.43 -1.30 -22.72
N VAL D 172 2.13 -1.55 -22.60
CA VAL D 172 1.24 -1.47 -23.77
C VAL D 172 0.89 -0.04 -24.14
N LEU D 173 0.92 0.85 -23.15
CA LEU D 173 0.59 2.26 -23.35
C LEU D 173 1.81 3.12 -23.68
N GLU D 174 3.00 2.58 -23.44
CA GLU D 174 4.26 3.35 -23.49
C GLU D 174 4.61 3.96 -24.86
N GLU D 175 4.27 3.25 -25.93
CA GLU D 175 4.68 3.67 -27.28
C GLU D 175 4.10 5.02 -27.75
N ARG D 176 3.01 5.46 -27.11
CA ARG D 176 2.41 6.76 -27.40
C ARG D 176 1.92 7.54 -26.17
N ILE D 177 2.36 7.12 -24.98
CA ILE D 177 2.13 7.86 -23.74
C ILE D 177 3.43 7.98 -22.95
N ASN D 178 3.69 9.17 -22.40
CA ASN D 178 4.85 9.38 -21.54
C ASN D 178 4.45 9.81 -20.12
N PRO D 180 3.46 6.67 -17.42
CA PRO D 180 3.06 6.62 -16.02
C PRO D 180 2.26 7.88 -15.68
N LYS D 181 1.66 7.97 -14.50
CA LYS D 181 1.70 6.96 -13.44
C LYS D 181 0.28 6.44 -13.21
N ILE D 182 0.09 5.13 -13.34
CA ILE D 182 -1.25 4.54 -13.32
C ILE D 182 -1.80 4.31 -11.91
N ALA D 183 -2.95 4.92 -11.62
CA ALA D 183 -3.64 4.70 -10.36
C ALA D 183 -4.57 3.49 -10.44
N CYS D 184 -5.49 3.50 -11.40
CA CYS D 184 -6.47 2.43 -11.59
C CYS D 184 -7.11 2.47 -12.98
N LEU D 185 -7.96 1.48 -13.25
CA LEU D 185 -8.73 1.44 -14.50
C LEU D 185 -10.22 1.49 -14.18
N ILE D 186 -11.01 1.98 -15.13
CA ILE D 186 -12.47 1.94 -15.05
C ILE D 186 -13.04 1.45 -16.37
N ALA D 187 -13.60 0.24 -16.37
CA ALA D 187 -14.28 -0.30 -17.54
C ALA D 187 -15.68 0.32 -17.64
N LEU D 188 -16.10 0.64 -18.87
CA LEU D 188 -17.33 1.39 -19.09
C LEU D 188 -18.21 0.73 -20.15
N GLY D 189 -19.53 0.88 -19.99
CA GLY D 189 -20.50 0.34 -20.94
C GLY D 189 -21.87 0.07 -20.35
N LYS D 190 -22.75 -0.54 -21.15
CA LYS D 190 -24.07 -0.94 -20.70
C LYS D 190 -24.04 -2.38 -20.15
N ARG D 191 -24.82 -2.62 -19.09
CA ARG D 191 -24.89 -3.92 -18.42
C ARG D 191 -25.54 -5.02 -19.28
N VAL D 192 -25.28 -6.27 -18.91
CA VAL D 192 -25.97 -7.42 -19.53
C VAL D 192 -26.68 -8.29 -18.48
N ALA D 193 -26.40 -8.01 -17.22
CA ALA D 193 -27.05 -8.68 -16.08
C ALA D 193 -27.55 -7.63 -15.10
N GLU D 194 -28.44 -8.04 -14.19
CA GLU D 194 -29.03 -7.12 -13.22
C GLU D 194 -27.97 -6.48 -12.31
N ALA D 195 -28.29 -5.32 -11.75
CA ALA D 195 -27.43 -4.69 -10.76
C ALA D 195 -27.33 -5.61 -9.55
N SER D 196 -26.09 -5.92 -9.17
CA SER D 196 -25.82 -6.75 -7.98
C SER D 196 -26.43 -6.13 -6.72
N GLN D 197 -26.73 -6.98 -5.74
CA GLN D 197 -27.22 -6.52 -4.45
C GLN D 197 -26.05 -6.01 -3.62
N LYS D 198 -26.25 -4.87 -2.96
CA LYS D 198 -25.23 -4.28 -2.10
C LYS D 198 -24.89 -5.14 -0.89
N SER D 199 -23.62 -5.08 -0.49
CA SER D 199 -23.14 -5.70 0.73
C SER D 199 -22.26 -4.71 1.47
N ARG D 200 -22.74 -4.20 2.60
CA ARG D 200 -21.97 -3.25 3.42
C ARG D 200 -22.00 -3.67 4.88
N LYS D 201 -21.00 -3.20 5.63
CA LYS D 201 -21.02 -3.28 7.09
C LYS D 201 -22.19 -2.44 7.61
N SER D 202 -22.62 -2.70 8.84
CA SER D 202 -23.78 -2.03 9.43
C SER D 202 -23.61 -0.51 9.54
N LYS D 203 -24.73 0.19 9.66
CA LYS D 203 -24.74 1.65 9.83
C LYS D 203 -23.93 2.12 11.04
N VAL D 204 -23.86 1.28 12.07
CA VAL D 204 -23.15 1.58 13.30
C VAL D 204 -21.63 1.50 13.10
N ASP D 205 -21.19 0.52 12.33
CA ASP D 205 -19.77 0.35 12.01
C ASP D 205 -19.22 1.43 11.07
N ALA D 206 -20.09 2.18 10.42
CA ALA D 206 -19.67 3.19 9.43
C ALA D 206 -19.91 4.63 9.86
N ILE D 207 -20.93 4.86 10.70
CA ILE D 207 -21.36 6.22 11.06
C ILE D 207 -21.32 6.42 12.58
N THR D 208 -20.80 7.57 13.01
CA THR D 208 -20.94 8.01 14.39
C THR D 208 -21.68 9.35 14.42
N TRP D 209 -22.70 9.44 15.29
CA TRP D 209 -23.55 10.63 15.37
C TRP D 209 -23.14 11.60 16.47
N LEU D 210 -22.54 12.72 16.06
CA LEU D 210 -22.14 13.78 16.97
C LEU D 210 -22.80 15.10 16.58
N1 FMN E . 22.79 -11.92 -8.88
C2 FMN E . 22.95 -12.59 -10.08
O2 FMN E . 24.05 -13.06 -10.37
N3 FMN E . 21.89 -12.75 -10.94
C4 FMN E . 20.65 -12.24 -10.61
O4 FMN E . 19.70 -12.38 -11.38
C4A FMN E . 20.48 -11.55 -9.40
N5 FMN E . 19.25 -11.03 -9.08
C5A FMN E . 19.06 -10.36 -7.89
C6 FMN E . 17.79 -9.85 -7.59
C7 FMN E . 17.58 -9.17 -6.40
C7M FMN E . 16.21 -8.64 -6.11
C8 FMN E . 18.63 -8.99 -5.50
C8M FMN E . 18.43 -8.27 -4.21
C9 FMN E . 19.90 -9.51 -5.80
C9A FMN E . 20.13 -10.18 -7.00
N10 FMN E . 21.39 -10.70 -7.33
C10 FMN E . 21.56 -11.39 -8.53
C1' FMN E . 22.58 -10.55 -6.40
C2' FMN E . 23.15 -9.13 -6.35
O2' FMN E . 23.77 -8.80 -7.59
C3' FMN E . 24.15 -9.00 -5.20
O3' FMN E . 23.47 -9.11 -3.97
C4' FMN E . 24.98 -7.71 -5.19
O4' FMN E . 25.77 -7.64 -6.36
C5' FMN E . 25.87 -7.63 -3.96
O5' FMN E . 26.77 -8.73 -3.90
P FMN E . 26.75 -9.79 -2.67
O1P FMN E . 27.60 -10.96 -3.07
O2P FMN E . 25.35 -10.25 -2.37
O3P FMN E . 27.32 -9.14 -1.43
C1 GOL F . 30.09 7.56 15.17
O1 GOL F . 30.19 6.21 15.58
C2 GOL F . 31.49 8.13 15.02
O2 GOL F . 31.67 8.63 13.72
C3 GOL F . 31.67 9.27 16.03
O3 GOL F . 32.93 9.14 16.64
N1 FMN G . 5.04 -4.58 15.86
C2 FMN G . 4.42 -3.65 16.67
O2 FMN G . 4.13 -3.95 17.82
N3 FMN G . 4.13 -2.39 16.18
C4 FMN G . 4.45 -2.05 14.88
O4 FMN G . 4.19 -0.92 14.45
C4A FMN G . 5.08 -3.00 14.06
N5 FMN G . 5.40 -2.67 12.76
C5A FMN G . 6.01 -3.60 11.94
C6 FMN G . 6.34 -3.24 10.63
C7 FMN G . 6.97 -4.17 9.79
C7M FMN G . 7.31 -3.76 8.39
C8 FMN G . 7.26 -5.44 10.28
C8M FMN G . 7.93 -6.47 9.43
C9 FMN G . 6.94 -5.79 11.59
C9A FMN G . 6.31 -4.88 12.44
N10 FMN G . 5.98 -5.21 13.74
C10 FMN G . 5.37 -4.27 14.56
C1' FMN G . 6.27 -6.58 14.33
C2' FMN G . 5.31 -7.67 13.81
O2' FMN G . 4.07 -7.57 14.44
C3' FMN G . 5.96 -9.04 14.04
O3' FMN G . 7.03 -9.15 13.12
C4' FMN G . 5.05 -10.28 13.87
O4' FMN G . 4.03 -10.31 14.84
C5' FMN G . 5.87 -11.55 13.98
O5' FMN G . 6.37 -11.74 15.29
P FMN G . 7.94 -11.63 15.65
O1P FMN G . 7.97 -11.39 17.15
O2P FMN G . 8.61 -10.48 14.93
O3P FMN G . 8.67 -12.90 15.29
N1 FMN H . -11.17 24.74 0.07
C2 FMN H . -10.92 25.64 1.08
O2 FMN H . -11.33 26.79 1.01
N3 FMN H . -10.22 25.24 2.21
C4 FMN H . -9.76 23.95 2.33
O4 FMN H . -9.13 23.62 3.34
C4A FMN H . -10.00 23.04 1.30
N5 FMN H . -9.53 21.75 1.41
C5A FMN H . -9.76 20.82 0.41
C6 FMN H . -9.28 19.53 0.57
C7 FMN H . -9.49 18.57 -0.42
C7M FMN H . -8.95 17.18 -0.22
C8 FMN H . -10.20 18.94 -1.57
C8M FMN H . -10.46 17.93 -2.67
C9 FMN H . -10.68 20.23 -1.72
C9A FMN H . -10.48 21.20 -0.75
N10 FMN H . -10.94 22.52 -0.86
C10 FMN H . -10.71 23.42 0.16
C1' FMN H . -11.72 22.98 -2.08
C2' FMN H . -10.87 23.16 -3.34
O2' FMN H . -10.25 24.43 -3.36
C3' FMN H . -11.74 22.99 -4.58
O3' FMN H . -12.27 21.68 -4.58
C4' FMN H . -11.05 23.24 -5.93
O4' FMN H . -10.59 24.57 -6.02
C5' FMN H . -12.00 22.98 -7.11
O5' FMN H . -13.12 23.85 -7.06
P FMN H . -14.62 23.27 -6.91
O1P FMN H . -15.57 24.41 -6.65
O2P FMN H . -14.68 22.29 -5.75
O3P FMN H . -15.02 22.55 -8.16
N1 FMN I . -13.79 -5.28 -9.19
C2 FMN I . -13.29 -6.31 -9.96
O2 FMN I . -14.04 -7.18 -10.38
N3 FMN I . -11.94 -6.38 -10.26
C4 FMN I . -11.08 -5.40 -9.79
O4 FMN I . -9.88 -5.45 -10.06
C4A FMN I . -11.58 -4.36 -9.01
N5 FMN I . -10.72 -3.39 -8.53
C5A FMN I . -11.20 -2.34 -7.77
C6 FMN I . -10.32 -1.37 -7.30
C7 FMN I . -10.80 -0.30 -6.53
C7M FMN I . -9.84 0.74 -6.03
C8 FMN I . -12.16 -0.24 -6.23
C8M FMN I . -12.72 0.88 -5.41
C9 FMN I . -13.02 -1.21 -6.70
C9A FMN I . -12.56 -2.27 -7.47
N10 FMN I . -13.44 -3.26 -7.93
C10 FMN I . -12.94 -4.30 -8.70
C1' FMN I . -14.91 -3.19 -7.60
C2' FMN I . -15.13 -3.50 -6.11
O2' FMN I . -15.00 -4.89 -5.86
C3' FMN I . -16.48 -2.97 -5.61
O3' FMN I . -16.50 -1.57 -5.74
C4' FMN I . -16.83 -3.31 -4.16
O4' FMN I . -16.85 -4.71 -3.94
C5' FMN I . -18.18 -2.72 -3.77
O5' FMN I . -19.21 -3.16 -4.62
P FMN I . -20.18 -2.10 -5.38
O1P FMN I . -21.07 -2.88 -6.33
O2P FMN I . -19.36 -1.10 -6.15
O3P FMN I . -21.03 -1.37 -4.38
C1 GOL J . -29.80 10.17 13.31
O1 GOL J . -30.73 11.23 13.22
C2 GOL J . -30.25 9.18 14.39
O2 GOL J . -30.10 9.76 15.67
C3 GOL J . -29.43 7.91 14.29
O3 GOL J . -29.97 6.94 15.17
#